data_8C3F
#
_entry.id   8C3F
#
_cell.length_a   139.346
_cell.length_b   139.346
_cell.length_c   184.574
_cell.angle_alpha   90.000
_cell.angle_beta   90.000
_cell.angle_gamma   120.000
#
_symmetry.space_group_name_H-M   'P 31 2 1'
#
loop_
_entity.id
_entity.type
_entity.pdbx_description
1 polymer 'Reaction center protein L chain'
2 polymer 'Reaction center protein M chain'
3 polymer 'Reaction center protein H chain'
4 non-polymer 1,2-ETHANEDIOL
5 non-polymer '1,4-DIETHYLENE DIOXIDE'
6 non-polymer HEPTANE-1,2,3-TRIOL
7 non-polymer 'BACTERIOCHLOROPHYLL A'
8 non-polymer 'BACTERIOPHEOPHYTIN B'
9 non-polymer UBIQUINONE-10
10 non-polymer 'PHOSPHATE ION'
11 non-polymer GLYCEROL
12 non-polymer 'LAURYL DIMETHYLAMINE-N-OXIDE'
13 non-polymer 'FE (III) ION'
14 non-polymer SPEROIDENONE
15 non-polymer 'POTASSIUM ION'
16 non-polymer 'CHLORIDE ION'
17 non-polymer CARDIOLIPIN
18 non-polymer 2-AMINO-2-HYDROXYMETHYL-PROPANE-1,3-DIOL
19 water water
#
loop_
_entity_poly.entity_id
_entity_poly.type
_entity_poly.pdbx_seq_one_letter_code
_entity_poly.pdbx_strand_id
1 'polypeptide(L)'
;ALLSFERKYRVPGGTLVGGNLFDFWVGPFYVGFFGVATFFFAALGIILIAWSAVLQGTWNPQLISVYPPALEYGLGGAPL
AKGGLWQIITICATGAFVSWALREVEICRKLGIGYHIPFAFAFAILAYLTLVLFRPVMMGAWGYAFPYGIWTHLDWVSNT
GYTYGNFHYNPAHMIAHTFFFTNALALALHGALVLSAANPEKGKEMRTPDHEDTFFRDLVGYSIGTLGIHRLGLLLSLSA
VFFSALCMIITGTIWFDQWVDWWQWWVKLPWWANIPGGING
;
L
2 'polypeptide(L)'
;AEYQNIFTQVQVRGPADLGMTEDVNLANRSGVGPFSTLLGWFGNAQLGPIYLGSLGVLSLFSGLMWFFTIGIWFWYQAGW
NPAVFLRDLFFFSLEPPAPEYGLSFAAPLKEGGLWLIASFFMFVAVWSWWGRTYLRAQALGMGKHTAWAFLSAIWLWMVL
GFIRPILMGSWSEAVPYGIFSHLDWTNNFSLVHGNLHYNPFHGLSIAFLYGSALLFAMHGATILAVSRFGGERELEQIAD
RGTAAERAALFWRWTMGFNATMEGIHRWAIWMAVLVTLTGGIGILLSGTVVDNWYVWGQNHGM
;
M
3 'polypeptide(L)'
;NFDLASLAIYSFWIFLAGLIYYLQTENMREGYPLENEDGTPAANQGPFPLPKPKTFILPHGRGTLTVPGPESEDRPIALA
RTAVSEGFPHAPTGDPMKDGVGPASWVARRDLPELDGHGHNKIKPMKAAAGFHVSAGKNPIGLPVRGCDLEIAGKVVDIW
VDIPEQMARFLEVELKDGSTRLLPMQMVKVQSNRVHVNALSSDLFAGIPTIKSPTEVTLLEEDKICGYVAGGLMYAAPKR
K
;
H
#
loop_
_chem_comp.id
_chem_comp.type
_chem_comp.name
_chem_comp.formula
BCL non-polymer 'BACTERIOCHLOROPHYLL A' 'C55 H74 Mg N4 O6'
BPB non-polymer 'BACTERIOPHEOPHYTIN B' 'C55 H74 N4 O6'
CDL non-polymer CARDIOLIPIN 'C81 H156 O17 P2 -2'
CL non-polymer 'CHLORIDE ION' 'Cl -1'
DIO non-polymer '1,4-DIETHYLENE DIOXIDE' 'C4 H8 O2'
EDO non-polymer 1,2-ETHANEDIOL 'C2 H6 O2'
FE non-polymer 'FE (III) ION' 'Fe 3'
GOL non-polymer GLYCEROL 'C3 H8 O3'
HTO non-polymer HEPTANE-1,2,3-TRIOL 'C7 H16 O3'
K non-polymer 'POTASSIUM ION' 'K 1'
LDA non-polymer 'LAURYL DIMETHYLAMINE-N-OXIDE' 'C14 H31 N O'
PO4 non-polymer 'PHOSPHATE ION' 'O4 P -3'
SPN non-polymer SPEROIDENONE 'C41 H70 O2'
TRS non-polymer 2-AMINO-2-HYDROXYMETHYL-PROPANE-1,3-DIOL 'C4 H12 N O3 1'
U10 non-polymer UBIQUINONE-10 'C59 H90 O4'
#
# COMPACT_ATOMS: atom_id res chain seq x y z
N ALA A 1 21.06 -14.86 14.29
CA ALA A 1 21.78 -14.83 13.02
C ALA A 1 21.53 -13.51 12.30
N LEU A 2 22.25 -13.30 11.20
CA LEU A 2 22.18 -12.08 10.41
C LEU A 2 22.08 -12.44 8.95
N LEU A 3 21.36 -11.60 8.20
CA LEU A 3 21.47 -11.64 6.75
C LEU A 3 22.90 -11.30 6.31
N SER A 4 23.26 -11.78 5.10
CA SER A 4 24.54 -11.45 4.46
C SER A 4 25.02 -10.04 4.74
N PHE A 5 24.14 -9.06 4.54
CA PHE A 5 24.55 -7.67 4.48
C PHE A 5 24.28 -6.92 5.78
N GLU A 6 23.86 -7.64 6.82
CA GLU A 6 23.28 -6.98 7.98
C GLU A 6 24.31 -6.30 8.90
N ARG A 7 25.53 -6.86 9.03
CA ARG A 7 26.37 -6.47 10.17
C ARG A 7 26.78 -5.00 10.11
N LYS A 8 27.01 -4.46 8.92
CA LYS A 8 27.41 -3.07 8.81
C LYS A 8 26.39 -2.09 9.40
N TYR A 9 25.12 -2.50 9.53
CA TYR A 9 24.11 -1.58 10.04
C TYR A 9 23.90 -1.69 11.54
N ARG A 10 24.36 -2.77 12.18
CA ARG A 10 24.13 -2.99 13.60
C ARG A 10 25.11 -2.16 14.46
N VAL A 11 25.00 -0.85 14.35
CA VAL A 11 25.87 0.05 15.11
C VAL A 11 25.14 0.55 16.35
N PRO A 12 25.83 1.08 17.35
CA PRO A 12 25.14 1.74 18.47
C PRO A 12 24.40 2.99 18.01
N GLY A 13 23.39 3.38 18.76
CA GLY A 13 22.76 4.66 18.59
C GLY A 13 21.36 4.55 17.99
N GLY A 14 20.63 5.64 18.11
CA GLY A 14 19.26 5.73 17.66
C GLY A 14 18.23 5.73 18.76
N THR A 15 18.55 5.16 19.92
CA THR A 15 17.58 5.02 20.99
C THR A 15 17.01 6.39 21.43
N LEU A 16 15.75 6.38 21.88
CA LEU A 16 15.14 7.59 22.46
C LEU A 16 15.16 7.61 23.98
N VAL A 17 15.31 6.46 24.63
CA VAL A 17 15.27 6.35 26.08
C VAL A 17 16.29 5.28 26.45
N GLY A 18 17.08 5.54 27.50
CA GLY A 18 17.92 4.52 28.07
C GLY A 18 19.34 4.45 27.55
N GLY A 19 19.72 5.32 26.61
CA GLY A 19 21.07 5.25 26.07
C GLY A 19 21.39 3.86 25.53
N ASN A 20 22.54 3.33 25.92
CA ASN A 20 23.01 2.04 25.42
C ASN A 20 22.35 0.86 26.11
N LEU A 21 21.49 1.13 27.10
CA LEU A 21 21.08 0.10 28.06
C LEU A 21 20.37 -1.07 27.38
N PHE A 22 19.38 -0.77 26.54
CA PHE A 22 18.67 -1.83 25.83
C PHE A 22 19.04 -1.89 24.36
N ASP A 23 20.16 -1.28 23.99
CA ASP A 23 20.60 -1.21 22.60
C ASP A 23 21.23 -2.54 22.21
N PHE A 24 20.39 -3.50 21.87
CA PHE A 24 20.86 -4.80 21.44
C PHE A 24 19.70 -5.56 20.80
N TRP A 25 20.02 -6.68 20.16
CA TRP A 25 19.07 -7.54 19.48
C TRP A 25 18.86 -8.84 20.23
N VAL A 26 17.81 -9.57 19.84
CA VAL A 26 17.54 -10.95 20.28
C VAL A 26 17.17 -11.70 19.02
N GLY A 27 18.09 -12.49 18.48
CA GLY A 27 17.91 -13.03 17.16
C GLY A 27 17.78 -11.88 16.18
N PRO A 28 16.75 -11.94 15.32
CA PRO A 28 16.49 -10.80 14.40
C PRO A 28 15.85 -9.60 15.06
N PHE A 29 15.25 -9.76 16.23
CA PHE A 29 14.46 -8.70 16.83
C PHE A 29 15.35 -7.65 17.47
N TYR A 30 15.20 -6.40 17.08
CA TYR A 30 15.73 -5.33 17.88
C TYR A 30 14.92 -5.17 19.17
N VAL A 31 15.59 -4.79 20.25
CA VAL A 31 14.92 -4.62 21.52
C VAL A 31 14.68 -3.15 21.80
N GLY A 32 15.69 -2.46 22.32
CA GLY A 32 15.49 -1.10 22.81
C GLY A 32 14.62 -1.01 24.05
N PHE A 33 14.50 0.18 24.64
CA PHE A 33 13.62 0.35 25.79
C PHE A 33 12.20 -0.04 25.44
N PHE A 34 11.72 0.38 24.28
CA PHE A 34 10.35 0.14 23.87
C PHE A 34 10.09 -1.30 23.42
N GLY A 35 11.14 -2.09 23.14
CA GLY A 35 10.94 -3.52 23.08
C GLY A 35 10.57 -4.09 24.45
N VAL A 36 11.26 -3.64 25.50
CA VAL A 36 10.92 -4.09 26.85
C VAL A 36 9.52 -3.64 27.23
N ALA A 37 9.20 -2.36 26.95
CA ALA A 37 7.85 -1.88 27.20
C ALA A 37 6.83 -2.77 26.50
N THR A 38 7.01 -2.99 25.20
CA THR A 38 6.09 -3.84 24.44
C THR A 38 5.95 -5.21 25.08
N PHE A 39 7.06 -5.81 25.48
CA PHE A 39 6.99 -7.15 26.06
C PHE A 39 6.20 -7.12 27.36
N PHE A 40 6.48 -6.14 28.22
CA PHE A 40 5.78 -6.04 29.49
C PHE A 40 4.27 -5.88 29.27
N PHE A 41 3.89 -4.83 28.54
CA PHE A 41 2.48 -4.57 28.23
C PHE A 41 1.83 -5.77 27.56
N ALA A 42 2.46 -6.31 26.52
CA ALA A 42 1.84 -7.41 25.78
C ALA A 42 1.69 -8.62 26.67
N ALA A 43 2.73 -8.94 27.46
CA ALA A 43 2.67 -10.12 28.32
C ALA A 43 1.63 -9.95 29.42
N LEU A 44 1.59 -8.76 30.03
CA LEU A 44 0.55 -8.50 31.03
C LEU A 44 -0.83 -8.70 30.41
N GLY A 45 -1.13 -7.95 29.34
CA GLY A 45 -2.41 -8.07 28.67
C GLY A 45 -2.77 -9.51 28.32
N ILE A 46 -1.81 -10.28 27.81
CA ILE A 46 -2.14 -11.65 27.44
C ILE A 46 -2.49 -12.46 28.68
N ILE A 47 -1.74 -12.26 29.77
CA ILE A 47 -2.02 -12.95 31.03
C ILE A 47 -3.43 -12.61 31.52
N LEU A 48 -3.77 -11.32 31.49
CA LEU A 48 -5.10 -10.92 31.92
C LEU A 48 -6.18 -11.54 31.04
N ILE A 49 -5.92 -11.66 29.74
CA ILE A 49 -6.90 -12.30 28.87
C ILE A 49 -7.06 -13.77 29.24
N ALA A 50 -5.95 -14.45 29.54
CA ALA A 50 -6.05 -15.83 30.01
C ALA A 50 -6.74 -15.91 31.36
N TRP A 51 -6.60 -14.87 32.18
CA TRP A 51 -7.31 -14.85 33.45
C TRP A 51 -8.79 -14.57 33.24
N SER A 52 -9.10 -13.51 32.50
CA SER A 52 -10.48 -13.23 32.12
C SER A 52 -11.11 -14.44 31.45
N ALA A 53 -10.31 -15.38 30.96
CA ALA A 53 -10.85 -16.60 30.38
C ALA A 53 -11.31 -17.58 31.45
N VAL A 54 -10.61 -17.68 32.58
CA VAL A 54 -11.06 -18.62 33.60
C VAL A 54 -12.33 -18.11 34.29
N LEU A 55 -12.39 -16.80 34.54
CA LEU A 55 -13.63 -16.20 35.05
C LEU A 55 -14.81 -16.42 34.11
N GLN A 56 -14.57 -16.42 32.80
CA GLN A 56 -15.64 -16.75 31.86
C GLN A 56 -15.87 -18.26 31.80
N GLY A 57 -14.78 -19.05 31.87
CA GLY A 57 -14.87 -20.48 32.00
C GLY A 57 -14.64 -21.27 30.73
N THR A 58 -13.72 -20.83 29.88
CA THR A 58 -13.43 -21.54 28.64
C THR A 58 -12.02 -21.21 28.18
N TRP A 59 -11.33 -22.21 27.60
CA TRP A 59 -10.06 -22.02 26.89
C TRP A 59 -10.23 -22.40 25.43
N ASN A 60 -11.09 -21.67 24.74
CA ASN A 60 -11.35 -21.91 23.32
C ASN A 60 -11.24 -20.55 22.63
N PRO A 61 -10.33 -20.40 21.66
CA PRO A 61 -10.20 -19.11 20.96
C PRO A 61 -11.51 -18.58 20.41
N GLN A 62 -12.36 -19.46 19.89
CA GLN A 62 -13.62 -19.01 19.30
C GLN A 62 -14.67 -18.67 20.35
N LEU A 63 -14.41 -18.91 21.63
CA LEU A 63 -15.33 -18.50 22.69
C LEU A 63 -14.76 -17.50 23.67
N ILE A 64 -13.43 -17.44 23.87
CA ILE A 64 -12.91 -16.46 24.81
C ILE A 64 -13.35 -15.08 24.38
N SER A 65 -13.99 -14.36 25.29
CA SER A 65 -14.36 -12.99 25.00
C SER A 65 -14.22 -12.19 26.29
N VAL A 66 -13.87 -10.91 26.14
CA VAL A 66 -13.57 -10.03 27.26
C VAL A 66 -14.42 -8.78 27.07
N TYR A 67 -15.55 -8.71 27.77
CA TYR A 67 -16.40 -7.58 27.43
C TYR A 67 -16.08 -6.38 28.31
N PRO A 68 -16.30 -5.17 27.82
CA PRO A 68 -16.10 -3.98 28.67
C PRO A 68 -17.11 -3.94 29.79
N PRO A 69 -16.98 -3.01 30.73
CA PRO A 69 -18.04 -2.80 31.73
C PRO A 69 -19.35 -2.40 31.05
N ALA A 70 -20.45 -2.85 31.63
CA ALA A 70 -21.77 -2.51 31.13
C ALA A 70 -22.02 -1.01 31.21
N LEU A 71 -23.02 -0.54 30.46
CA LEU A 71 -23.29 0.90 30.37
C LEU A 71 -23.61 1.51 31.73
N GLU A 72 -24.09 0.69 32.68
CA GLU A 72 -24.39 1.15 34.04
C GLU A 72 -23.17 1.75 34.72
N TYR A 73 -21.97 1.35 34.30
CA TYR A 73 -20.73 1.80 34.94
C TYR A 73 -20.22 3.12 34.43
N GLY A 74 -20.86 3.70 33.42
CA GLY A 74 -20.44 4.98 32.89
C GLY A 74 -18.99 4.94 32.42
N LEU A 75 -18.22 5.93 32.86
CA LEU A 75 -16.81 6.06 32.54
C LEU A 75 -15.90 5.77 33.74
N GLY A 76 -16.32 4.88 34.63
CA GLY A 76 -15.56 4.54 35.82
C GLY A 76 -15.13 3.09 35.79
N GLY A 77 -14.36 2.72 36.80
CA GLY A 77 -13.87 1.35 36.89
C GLY A 77 -14.99 0.36 37.13
N ALA A 78 -14.66 -0.91 37.02
CA ALA A 78 -15.63 -1.97 37.28
C ALA A 78 -14.88 -3.16 37.82
N PRO A 79 -15.52 -4.01 38.59
CA PRO A 79 -14.86 -5.24 39.03
C PRO A 79 -14.27 -6.02 37.87
N LEU A 80 -13.06 -6.53 38.08
CA LEU A 80 -12.31 -7.25 37.07
C LEU A 80 -13.16 -8.26 36.31
N ALA A 81 -13.92 -9.09 37.02
CA ALA A 81 -14.74 -10.13 36.39
C ALA A 81 -15.86 -9.54 35.54
N LYS A 82 -16.15 -8.26 35.69
CA LYS A 82 -17.25 -7.61 34.99
C LYS A 82 -16.80 -6.30 34.32
N GLY A 83 -15.63 -6.31 33.70
CA GLY A 83 -15.22 -5.26 32.82
C GLY A 83 -14.02 -4.46 33.28
N GLY A 84 -13.51 -4.72 34.47
CA GLY A 84 -12.24 -4.12 34.86
C GLY A 84 -11.09 -4.75 34.11
N LEU A 85 -11.16 -6.07 33.91
CA LEU A 85 -10.17 -6.75 33.10
C LEU A 85 -10.11 -6.15 31.71
N TRP A 86 -11.26 -5.91 31.09
CA TRP A 86 -11.26 -5.28 29.78
C TRP A 86 -10.57 -3.94 29.82
N GLN A 87 -10.87 -3.13 30.84
CA GLN A 87 -10.29 -1.79 30.92
C GLN A 87 -8.77 -1.86 31.04
N ILE A 88 -8.25 -2.70 31.94
CA ILE A 88 -6.81 -2.74 32.10
C ILE A 88 -6.15 -3.37 30.86
N ILE A 89 -6.80 -4.38 30.26
CA ILE A 89 -6.28 -4.96 29.03
C ILE A 89 -6.21 -3.92 27.92
N THR A 90 -7.20 -3.03 27.86
CA THR A 90 -7.16 -1.93 26.92
C THR A 90 -5.97 -1.02 27.18
N ILE A 91 -5.61 -0.84 28.46
CA ILE A 91 -4.45 -0.01 28.77
C ILE A 91 -3.17 -0.71 28.33
N CYS A 92 -3.08 -2.01 28.59
CA CYS A 92 -1.97 -2.79 28.07
C CYS A 92 -1.87 -2.69 26.57
N ALA A 93 -3.01 -2.79 25.86
CA ALA A 93 -2.99 -2.85 24.40
C ALA A 93 -2.55 -1.51 23.82
N THR A 94 -3.16 -0.43 24.29
CA THR A 94 -2.64 0.89 24.00
C THR A 94 -1.17 1.01 24.35
N GLY A 95 -0.76 0.40 25.46
CA GLY A 95 0.62 0.50 25.88
C GLY A 95 1.55 -0.23 24.93
N ALA A 96 1.14 -1.43 24.49
CA ALA A 96 1.97 -2.22 23.59
C ALA A 96 2.02 -1.60 22.19
N PHE A 97 0.90 -1.09 21.68
CA PHE A 97 0.90 -0.48 20.34
C PHE A 97 1.77 0.76 20.31
N VAL A 98 1.55 1.68 21.26
CA VAL A 98 2.33 2.91 21.31
C VAL A 98 3.80 2.60 21.52
N SER A 99 4.10 1.58 22.34
CA SER A 99 5.48 1.14 22.50
C SER A 99 6.04 0.60 21.21
N TRP A 100 5.28 -0.25 20.51
CA TRP A 100 5.72 -0.81 19.24
C TRP A 100 6.04 0.28 18.23
N ALA A 101 5.22 1.33 18.17
CA ALA A 101 5.49 2.42 17.24
C ALA A 101 6.76 3.17 17.64
N LEU A 102 6.94 3.43 18.95
CA LEU A 102 8.14 4.11 19.39
C LEU A 102 9.37 3.22 19.19
N ARG A 103 9.20 1.90 19.32
CA ARG A 103 10.29 1.01 18.99
C ARG A 103 10.61 1.08 17.50
N GLU A 104 9.60 1.33 16.66
CA GLU A 104 9.87 1.47 15.23
C GLU A 104 10.63 2.76 14.91
N VAL A 105 10.35 3.83 15.66
CA VAL A 105 11.09 5.08 15.52
C VAL A 105 12.58 4.87 15.79
N GLU A 106 12.90 4.12 16.85
CA GLU A 106 14.28 3.89 17.20
C GLU A 106 15.00 3.10 16.11
N ILE A 107 14.33 2.07 15.59
CA ILE A 107 14.87 1.33 14.46
C ILE A 107 15.09 2.27 13.27
N CYS A 108 14.17 3.22 13.06
CA CYS A 108 14.30 4.22 12.00
C CYS A 108 15.55 5.06 12.19
N ARG A 109 15.84 5.45 13.43
CA ARG A 109 16.98 6.31 13.68
C ARG A 109 18.29 5.54 13.52
N LYS A 110 18.30 4.28 13.93
CA LYS A 110 19.52 3.51 13.76
C LYS A 110 19.83 3.30 12.28
N LEU A 111 18.79 3.19 11.46
CA LEU A 111 18.99 2.85 10.04
C LEU A 111 19.10 4.08 9.13
N GLY A 112 18.95 5.28 9.66
CA GLY A 112 19.00 6.48 8.85
C GLY A 112 17.86 6.64 7.85
N ILE A 113 16.71 6.01 8.10
CA ILE A 113 15.58 6.15 7.19
C ILE A 113 14.53 7.11 7.76
N GLY A 114 13.56 7.49 6.93
CA GLY A 114 12.48 8.34 7.38
C GLY A 114 11.49 7.60 8.27
N TYR A 115 10.66 8.40 8.96
CA TYR A 115 9.74 7.89 9.98
C TYR A 115 8.38 7.47 9.42
N HIS A 116 8.25 7.28 8.10
CA HIS A 116 6.94 7.10 7.49
C HIS A 116 6.22 5.87 8.04
N ILE A 117 6.94 4.85 8.46
CA ILE A 117 6.28 3.59 8.83
C ILE A 117 5.56 3.75 10.17
N PRO A 118 6.23 4.11 11.29
CA PRO A 118 5.47 4.32 12.54
C PRO A 118 4.43 5.42 12.43
N PHE A 119 4.67 6.43 11.60
CA PHE A 119 3.64 7.43 11.34
C PHE A 119 2.40 6.79 10.74
N ALA A 120 2.59 5.92 9.74
CA ALA A 120 1.45 5.19 9.16
C ALA A 120 0.80 4.30 10.21
N PHE A 121 1.60 3.58 10.99
CA PHE A 121 1.05 2.74 12.03
C PHE A 121 0.20 3.55 13.01
N ALA A 122 0.58 4.80 13.27
CA ALA A 122 -0.16 5.60 14.25
C ALA A 122 -1.59 5.85 13.80
N PHE A 123 -1.87 5.83 12.48
CA PHE A 123 -3.25 5.89 12.01
C PHE A 123 -4.05 4.65 12.44
N ALA A 124 -3.44 3.47 12.37
CA ALA A 124 -4.18 2.29 12.83
C ALA A 124 -4.44 2.38 14.33
N ILE A 125 -3.42 2.78 15.09
CA ILE A 125 -3.55 2.92 16.54
C ILE A 125 -4.69 3.87 16.88
N LEU A 126 -4.82 4.97 16.12
CA LEU A 126 -5.87 5.92 16.44
C LEU A 126 -7.26 5.41 16.06
N ALA A 127 -7.38 4.60 15.01
CA ALA A 127 -8.64 3.93 14.75
C ALA A 127 -9.04 3.05 15.93
N TYR A 128 -8.11 2.24 16.42
CA TYR A 128 -8.37 1.44 17.62
C TYR A 128 -8.81 2.33 18.77
N LEU A 129 -8.05 3.39 19.06
CA LEU A 129 -8.42 4.25 20.19
C LEU A 129 -9.75 4.98 19.96
N THR A 130 -10.14 5.20 18.70
CA THR A 130 -11.48 5.70 18.44
C THR A 130 -12.54 4.73 18.94
N LEU A 131 -12.36 3.44 18.68
CA LEU A 131 -13.40 2.50 19.06
C LEU A 131 -13.40 2.22 20.56
N VAL A 132 -12.22 2.14 21.18
CA VAL A 132 -12.15 1.73 22.58
C VAL A 132 -12.04 2.91 23.53
N LEU A 133 -11.76 4.11 23.04
CA LEU A 133 -11.52 5.20 23.97
C LEU A 133 -12.25 6.48 23.57
N PHE A 134 -11.93 7.06 22.43
CA PHE A 134 -12.48 8.37 22.07
C PHE A 134 -14.00 8.32 21.98
N ARG A 135 -14.54 7.36 21.21
CA ARG A 135 -16.01 7.28 21.08
C ARG A 135 -16.69 6.90 22.39
N PRO A 136 -16.29 5.83 23.09
CA PRO A 136 -16.84 5.61 24.45
C PRO A 136 -16.88 6.85 25.33
N VAL A 137 -15.79 7.62 25.39
CA VAL A 137 -15.73 8.74 26.33
C VAL A 137 -16.67 9.84 25.89
N MET A 138 -16.72 10.12 24.58
CA MET A 138 -17.69 11.07 24.05
C MET A 138 -19.13 10.61 24.27
N MET A 139 -19.34 9.30 24.41
CA MET A 139 -20.68 8.76 24.60
C MET A 139 -21.03 8.51 26.07
N GLY A 140 -20.07 8.62 26.99
CA GLY A 140 -20.33 8.43 28.39
C GLY A 140 -20.21 7.03 28.95
N ALA A 141 -19.80 6.03 28.16
CA ALA A 141 -19.62 4.71 28.75
C ALA A 141 -18.59 3.87 27.99
N TRP A 142 -17.78 3.13 28.74
CA TRP A 142 -16.92 2.10 28.17
C TRP A 142 -17.70 0.97 27.52
N GLY A 143 -18.99 0.82 27.82
CA GLY A 143 -19.75 -0.30 27.29
C GLY A 143 -20.06 -0.20 25.81
N TYR A 144 -19.90 0.99 25.22
CA TYR A 144 -20.08 1.13 23.78
C TYR A 144 -18.89 0.65 22.97
N ALA A 145 -17.78 0.31 23.63
CA ALA A 145 -16.60 -0.21 22.95
C ALA A 145 -16.79 -1.69 22.63
N PHE A 146 -15.89 -2.22 21.75
CA PHE A 146 -16.15 -3.58 21.32
C PHE A 146 -15.47 -4.59 22.26
N PRO A 147 -16.00 -5.79 22.36
CA PRO A 147 -15.37 -6.81 23.21
C PRO A 147 -14.17 -7.42 22.50
N TYR A 148 -13.30 -8.05 23.28
CA TYR A 148 -12.12 -8.71 22.72
C TYR A 148 -12.43 -10.19 22.62
N GLY A 149 -12.94 -10.59 21.47
CA GLY A 149 -13.15 -11.98 21.14
C GLY A 149 -13.40 -12.10 19.65
N ILE A 150 -12.99 -13.23 19.07
CA ILE A 150 -12.94 -13.36 17.62
C ILE A 150 -14.31 -13.14 17.00
N TRP A 151 -15.34 -13.83 17.53
CA TRP A 151 -16.67 -13.70 16.96
C TRP A 151 -17.52 -12.66 17.68
N THR A 152 -17.30 -12.43 18.98
CA THR A 152 -18.14 -11.47 19.69
C THR A 152 -17.90 -10.05 19.20
N HIS A 153 -16.66 -9.71 18.82
CA HIS A 153 -16.45 -8.37 18.27
C HIS A 153 -17.04 -8.23 16.87
N LEU A 154 -17.26 -9.34 16.14
CA LEU A 154 -18.01 -9.23 14.90
C LEU A 154 -19.47 -8.93 15.18
N ASP A 155 -20.05 -9.64 16.15
CA ASP A 155 -21.41 -9.33 16.59
C ASP A 155 -21.55 -7.87 16.98
N TRP A 156 -20.52 -7.31 17.62
CA TRP A 156 -20.54 -5.89 17.99
C TRP A 156 -20.58 -5.00 16.76
N VAL A 157 -19.83 -5.35 15.71
CA VAL A 157 -19.88 -4.54 14.50
C VAL A 157 -21.29 -4.56 13.91
N SER A 158 -21.89 -5.75 13.89
CA SER A 158 -23.24 -5.88 13.35
C SER A 158 -24.26 -5.15 14.22
N ASN A 159 -24.17 -5.28 15.54
CA ASN A 159 -25.17 -4.65 16.38
C ASN A 159 -24.99 -3.13 16.40
N THR A 160 -23.74 -2.66 16.41
CA THR A 160 -23.53 -1.21 16.36
C THR A 160 -24.04 -0.65 15.04
N GLY A 161 -23.74 -1.32 13.93
CA GLY A 161 -24.15 -0.79 12.65
C GLY A 161 -25.66 -0.76 12.49
N TYR A 162 -26.33 -1.87 12.84
CA TYR A 162 -27.76 -1.95 12.60
C TYR A 162 -28.55 -1.02 13.53
N THR A 163 -27.96 -0.60 14.65
CA THR A 163 -28.49 0.49 15.47
C THR A 163 -28.78 1.75 14.66
N TYR A 164 -28.18 1.92 13.49
CA TYR A 164 -28.42 3.08 12.65
C TYR A 164 -29.02 2.67 11.32
N GLY A 165 -29.61 1.49 11.28
CA GLY A 165 -30.15 0.96 10.05
C GLY A 165 -29.10 0.20 9.27
N ASN A 166 -29.20 0.26 7.94
CA ASN A 166 -28.10 -0.13 7.06
C ASN A 166 -27.00 0.91 7.20
N PHE A 167 -25.82 0.48 7.68
CA PHE A 167 -24.73 1.41 7.97
C PHE A 167 -24.07 1.96 6.71
N HIS A 168 -24.32 1.32 5.56
CA HIS A 168 -23.86 1.85 4.28
C HIS A 168 -24.14 3.32 4.12
N TYR A 169 -25.24 3.81 4.71
CA TYR A 169 -25.67 5.18 4.44
C TYR A 169 -24.89 6.21 5.24
N ASN A 170 -24.05 5.78 6.17
CA ASN A 170 -23.11 6.70 6.79
C ASN A 170 -22.19 7.27 5.71
N PRO A 171 -22.21 8.58 5.46
CA PRO A 171 -21.48 9.10 4.29
C PRO A 171 -19.98 9.09 4.45
N ALA A 172 -19.47 9.29 5.68
CA ALA A 172 -18.04 9.12 5.90
C ALA A 172 -17.62 7.66 5.66
N HIS A 173 -18.47 6.71 6.09
CA HIS A 173 -18.22 5.29 5.87
C HIS A 173 -18.23 4.98 4.38
N MET A 174 -18.98 5.76 3.61
CA MET A 174 -18.99 5.58 2.16
C MET A 174 -17.66 5.98 1.56
N ILE A 175 -17.06 7.05 2.07
CA ILE A 175 -15.76 7.49 1.58
C ILE A 175 -14.69 6.49 1.98
N ALA A 176 -14.68 6.10 3.26
CA ALA A 176 -13.74 5.11 3.74
C ALA A 176 -13.77 3.86 2.87
N HIS A 177 -14.98 3.32 2.61
CA HIS A 177 -15.12 2.14 1.77
C HIS A 177 -14.49 2.38 0.39
N THR A 178 -14.62 3.53 -0.14
CA THR A 178 -14.05 3.79 -1.46
C THR A 178 -12.53 3.77 -1.41
N PHE A 179 -11.95 4.34 -0.37
CA PHE A 179 -10.49 4.30 -0.22
C PHE A 179 -9.98 2.87 -0.02
N PHE A 180 -10.66 2.05 0.79
CA PHE A 180 -10.25 0.65 0.94
C PHE A 180 -10.25 -0.08 -0.39
N PHE A 181 -11.27 0.12 -1.22
CA PHE A 181 -11.37 -0.65 -2.45
C PHE A 181 -10.41 -0.12 -3.49
N THR A 182 -10.29 1.20 -3.59
CA THR A 182 -9.25 1.80 -4.42
C THR A 182 -7.87 1.33 -4.03
N ASN A 183 -7.60 1.24 -2.71
CA ASN A 183 -6.28 0.84 -2.26
C ASN A 183 -5.95 -0.58 -2.73
N ALA A 184 -6.89 -1.52 -2.53
CA ALA A 184 -6.70 -2.88 -3.02
C ALA A 184 -6.47 -2.89 -4.51
N LEU A 185 -7.23 -2.11 -5.26
CA LEU A 185 -7.02 -2.04 -6.70
C LEU A 185 -5.61 -1.55 -7.01
N ALA A 186 -5.17 -0.50 -6.31
CA ALA A 186 -3.81 0.00 -6.52
C ALA A 186 -2.77 -1.05 -6.13
N LEU A 187 -3.03 -1.80 -5.07
CA LEU A 187 -2.09 -2.83 -4.64
C LEU A 187 -1.97 -3.93 -5.69
N ALA A 188 -3.10 -4.42 -6.22
CA ALA A 188 -3.02 -5.45 -7.25
C ALA A 188 -2.26 -4.94 -8.47
N LEU A 189 -2.63 -3.74 -8.95
CA LEU A 189 -1.94 -3.19 -10.11
C LEU A 189 -0.45 -3.00 -9.86
N HIS A 190 -0.10 -2.31 -8.77
CA HIS A 190 1.31 -2.08 -8.48
C HIS A 190 2.11 -3.38 -8.42
N GLY A 191 1.64 -4.34 -7.63
CA GLY A 191 2.32 -5.62 -7.58
C GLY A 191 2.44 -6.25 -8.95
N ALA A 192 1.35 -6.25 -9.72
CA ALA A 192 1.39 -6.90 -11.03
C ALA A 192 2.26 -6.10 -12.00
N LEU A 193 2.32 -4.77 -11.85
CA LEU A 193 3.12 -3.97 -12.79
C LEU A 193 4.61 -4.25 -12.61
N VAL A 194 5.12 -4.11 -11.38
CA VAL A 194 6.53 -4.38 -11.09
C VAL A 194 6.90 -5.81 -11.50
N LEU A 195 6.04 -6.78 -11.22
CA LEU A 195 6.38 -8.16 -11.53
C LEU A 195 6.34 -8.43 -13.04
N SER A 196 5.40 -7.82 -13.74
CA SER A 196 5.37 -7.97 -15.19
C SER A 196 6.60 -7.36 -15.84
N ALA A 197 7.21 -6.34 -15.19
CA ALA A 197 8.44 -5.78 -15.72
C ALA A 197 9.65 -6.61 -15.30
N ALA A 198 9.67 -7.10 -14.07
CA ALA A 198 10.81 -7.89 -13.60
C ALA A 198 10.79 -9.31 -14.13
N ASN A 199 9.64 -9.78 -14.63
CA ASN A 199 9.47 -11.16 -15.06
C ASN A 199 8.76 -11.15 -16.40
N PRO A 200 9.47 -10.71 -17.46
CA PRO A 200 8.83 -10.54 -18.76
C PRO A 200 8.56 -11.86 -19.43
N GLU A 201 8.14 -11.84 -20.69
CA GLU A 201 7.97 -13.07 -21.43
C GLU A 201 9.25 -13.90 -21.44
N LYS A 202 9.09 -15.21 -21.50
CA LYS A 202 10.18 -16.18 -21.44
C LYS A 202 11.34 -15.79 -22.35
N GLY A 203 12.54 -15.68 -21.76
CA GLY A 203 13.74 -15.37 -22.50
C GLY A 203 13.98 -13.90 -22.81
N LYS A 204 12.98 -13.05 -22.61
CA LYS A 204 13.13 -11.61 -22.84
C LYS A 204 13.95 -10.97 -21.73
N GLU A 205 14.44 -9.77 -22.01
CA GLU A 205 15.14 -9.03 -20.98
C GLU A 205 14.15 -8.34 -20.06
N MET A 206 14.46 -8.37 -18.77
CA MET A 206 13.94 -7.48 -17.74
C MET A 206 13.61 -6.08 -18.25
N ARG A 207 12.32 -5.71 -18.26
CA ARG A 207 11.85 -4.43 -18.73
C ARG A 207 12.20 -3.31 -17.72
N THR A 208 11.94 -2.09 -18.12
CA THR A 208 12.34 -0.90 -17.38
C THR A 208 11.12 -0.20 -16.79
N PRO A 209 11.32 0.74 -15.85
CA PRO A 209 10.20 1.61 -15.49
C PRO A 209 9.59 2.30 -16.68
N ASP A 210 10.40 2.60 -17.72
CA ASP A 210 9.87 3.18 -18.94
C ASP A 210 8.78 2.27 -19.52
N HIS A 211 9.04 0.98 -19.58
CA HIS A 211 8.00 0.03 -19.98
C HIS A 211 6.79 0.10 -19.05
N GLU A 212 7.01 0.29 -17.76
CA GLU A 212 5.90 0.37 -16.82
C GLU A 212 5.04 1.60 -17.08
N ASP A 213 5.68 2.76 -17.28
CA ASP A 213 4.95 3.95 -17.69
C ASP A 213 4.24 3.72 -19.01
N THR A 214 4.94 3.12 -19.99
CA THR A 214 4.34 2.92 -21.29
C THR A 214 3.12 2.02 -21.19
N PHE A 215 3.20 0.97 -20.38
CA PHE A 215 2.10 0.03 -20.25
C PHE A 215 0.84 0.74 -19.75
N PHE A 216 0.97 1.62 -18.76
CA PHE A 216 -0.25 2.17 -18.20
C PHE A 216 -0.82 3.27 -19.07
N ARG A 217 0.05 4.07 -19.68
CA ARG A 217 -0.42 5.04 -20.66
C ARG A 217 -1.12 4.34 -21.81
N ASP A 218 -0.54 3.28 -22.33
CA ASP A 218 -1.24 2.52 -23.35
C ASP A 218 -2.61 2.08 -22.86
N LEU A 219 -2.72 1.67 -21.60
CA LEU A 219 -3.96 1.09 -21.10
C LEU A 219 -5.00 2.14 -20.73
N VAL A 220 -4.62 3.15 -19.94
CA VAL A 220 -5.59 4.11 -19.42
C VAL A 220 -5.25 5.54 -19.79
N GLY A 221 -4.18 5.77 -20.54
CA GLY A 221 -3.80 7.13 -20.90
C GLY A 221 -3.12 7.90 -19.80
N TYR A 222 -2.70 7.24 -18.73
CA TYR A 222 -1.96 7.93 -17.69
C TYR A 222 -1.12 6.92 -16.92
N SER A 223 -0.07 7.42 -16.29
CA SER A 223 0.78 6.61 -15.44
C SER A 223 1.22 7.49 -14.28
N ILE A 224 0.95 7.04 -13.05
CA ILE A 224 1.27 7.92 -11.92
C ILE A 224 2.77 7.93 -11.63
N GLY A 225 3.50 6.90 -12.03
CA GLY A 225 4.93 6.91 -11.79
C GLY A 225 5.33 6.09 -10.58
N THR A 226 6.61 5.70 -10.56
CA THR A 226 7.07 4.79 -9.52
C THR A 226 7.20 5.47 -8.17
N LEU A 227 7.44 6.79 -8.14
CA LEU A 227 7.37 7.47 -6.84
C LEU A 227 5.91 7.68 -6.46
N GLY A 228 5.08 8.01 -7.45
CA GLY A 228 3.69 8.35 -7.17
C GLY A 228 2.87 7.17 -6.68
N ILE A 229 3.16 5.96 -7.20
CA ILE A 229 2.34 4.82 -6.82
C ILE A 229 2.55 4.49 -5.35
N HIS A 230 3.71 4.82 -4.81
CA HIS A 230 3.97 4.57 -3.41
C HIS A 230 3.40 5.69 -2.54
N ARG A 231 3.49 6.93 -3.01
CA ARG A 231 2.71 7.99 -2.38
C ARG A 231 1.22 7.63 -2.38
N LEU A 232 0.72 7.06 -3.47
CA LEU A 232 -0.69 6.76 -3.60
C LEU A 232 -1.11 5.66 -2.64
N GLY A 233 -0.43 4.52 -2.69
CA GLY A 233 -0.80 3.42 -1.82
C GLY A 233 -0.84 3.83 -0.36
N LEU A 234 0.13 4.64 0.06
CA LEU A 234 0.13 5.11 1.44
C LEU A 234 -1.06 6.04 1.70
N LEU A 235 -1.37 6.91 0.73
CA LEU A 235 -2.42 7.90 0.92
C LEU A 235 -3.81 7.25 0.90
N LEU A 236 -4.05 6.33 -0.03
CA LEU A 236 -5.32 5.60 -0.03
C LEU A 236 -5.51 4.86 1.28
N SER A 237 -4.48 4.12 1.71
CA SER A 237 -4.56 3.34 2.94
C SER A 237 -4.85 4.22 4.15
N LEU A 238 -4.06 5.28 4.36
CA LEU A 238 -4.27 6.06 5.57
C LEU A 238 -5.59 6.83 5.51
N SER A 239 -6.02 7.26 4.31
CA SER A 239 -7.30 7.92 4.16
C SER A 239 -8.44 6.97 4.48
N ALA A 240 -8.35 5.72 4.02
CA ALA A 240 -9.35 4.72 4.39
C ALA A 240 -9.50 4.64 5.90
N VAL A 241 -8.39 4.64 6.63
CA VAL A 241 -8.50 4.46 8.06
C VAL A 241 -8.97 5.75 8.72
N PHE A 242 -8.52 6.89 8.20
CA PHE A 242 -8.97 8.16 8.73
C PHE A 242 -10.49 8.27 8.63
N PHE A 243 -11.05 7.99 7.45
CA PHE A 243 -12.49 8.05 7.28
C PHE A 243 -13.21 6.91 7.98
N SER A 244 -12.52 5.81 8.25
CA SER A 244 -13.06 4.80 9.16
C SER A 244 -13.26 5.38 10.55
N ALA A 245 -12.19 5.90 11.14
CA ALA A 245 -12.31 6.51 12.47
C ALA A 245 -13.30 7.66 12.45
N LEU A 246 -13.32 8.43 11.36
CA LEU A 246 -14.24 9.56 11.32
C LEU A 246 -15.69 9.08 11.24
N CYS A 247 -15.96 8.04 10.45
CA CYS A 247 -17.33 7.55 10.30
C CYS A 247 -17.88 7.00 11.62
N MET A 248 -17.03 6.55 12.52
CA MET A 248 -17.49 6.08 13.82
C MET A 248 -17.43 7.13 14.91
N ILE A 249 -16.57 8.16 14.76
CA ILE A 249 -16.50 9.17 15.80
C ILE A 249 -17.76 10.02 15.77
N ILE A 250 -18.37 10.17 14.58
CA ILE A 250 -19.60 10.94 14.41
C ILE A 250 -20.86 10.12 14.63
N THR A 251 -20.75 8.82 14.88
CA THR A 251 -21.92 7.96 14.97
C THR A 251 -22.23 7.69 16.43
N GLY A 252 -23.45 8.04 16.86
CA GLY A 252 -23.80 8.00 18.25
C GLY A 252 -23.37 9.22 19.04
N THR A 253 -22.91 10.27 18.36
CA THR A 253 -22.45 11.49 19.02
C THR A 253 -23.13 12.66 18.33
N ILE A 254 -22.65 13.08 17.18
CA ILE A 254 -23.34 14.14 16.48
C ILE A 254 -24.49 13.60 15.63
N TRP A 255 -24.44 12.33 15.24
CA TRP A 255 -25.56 11.74 14.52
C TRP A 255 -25.89 10.40 15.17
N PHE A 256 -27.17 10.18 15.48
CA PHE A 256 -27.53 8.95 16.20
C PHE A 256 -28.87 8.39 15.74
N ASP A 257 -29.42 8.85 14.62
CA ASP A 257 -30.61 8.29 14.03
C ASP A 257 -30.22 7.32 12.91
N GLN A 258 -31.19 6.89 12.12
CA GLN A 258 -30.91 6.03 10.99
C GLN A 258 -30.11 6.83 9.95
N TRP A 259 -28.96 6.29 9.55
CA TRP A 259 -28.12 7.02 8.61
C TRP A 259 -28.81 7.24 7.27
N VAL A 260 -29.75 6.36 6.91
CA VAL A 260 -30.45 6.54 5.64
C VAL A 260 -31.21 7.86 5.64
N ASP A 261 -31.69 8.29 6.80
CA ASP A 261 -32.48 9.51 6.84
C ASP A 261 -31.63 10.77 6.73
N TRP A 262 -30.34 10.68 7.09
CA TRP A 262 -29.44 11.82 6.90
C TRP A 262 -29.54 12.38 5.48
N TRP A 263 -29.81 11.53 4.50
CA TRP A 263 -29.75 11.95 3.11
C TRP A 263 -30.93 12.80 2.70
N GLN A 264 -31.92 12.96 3.58
CA GLN A 264 -33.10 13.74 3.24
C GLN A 264 -32.77 15.22 3.09
N TRP A 265 -31.70 15.70 3.74
CA TRP A 265 -31.29 17.10 3.54
C TRP A 265 -31.09 17.42 2.06
N TRP A 266 -30.61 16.45 1.28
CA TRP A 266 -30.48 16.68 -0.15
C TRP A 266 -31.84 16.79 -0.83
N VAL A 267 -32.71 15.78 -0.63
CA VAL A 267 -33.92 15.70 -1.45
C VAL A 267 -34.93 16.78 -1.04
N LYS A 268 -34.94 17.15 0.23
CA LYS A 268 -35.78 18.24 0.71
C LYS A 268 -35.10 19.58 0.54
N LEU A 269 -34.38 19.76 -0.55
CA LEU A 269 -33.90 21.10 -0.80
C LEU A 269 -35.01 21.92 -1.44
N PRO A 270 -35.13 23.20 -1.08
CA PRO A 270 -36.32 23.98 -1.49
C PRO A 270 -36.54 24.02 -3.00
N TRP A 271 -35.48 24.20 -3.79
CA TRP A 271 -35.70 24.37 -5.22
C TRP A 271 -36.21 23.11 -5.91
N TRP A 272 -36.25 21.94 -5.25
CA TRP A 272 -36.80 20.76 -5.90
C TRP A 272 -37.56 19.84 -4.97
N ALA A 273 -37.73 20.19 -3.69
CA ALA A 273 -38.36 19.30 -2.74
C ALA A 273 -39.76 18.88 -3.20
N ASN A 274 -40.50 19.79 -3.82
CA ASN A 274 -41.93 19.56 -4.05
C ASN A 274 -42.30 19.41 -5.53
N ILE A 275 -41.32 19.27 -6.41
CA ILE A 275 -41.64 18.93 -7.81
C ILE A 275 -42.14 17.50 -7.87
N PRO A 276 -43.26 17.23 -8.54
CA PRO A 276 -43.72 15.85 -8.69
C PRO A 276 -42.79 15.04 -9.59
N GLY A 277 -43.02 13.73 -9.58
CA GLY A 277 -42.22 12.80 -10.36
C GLY A 277 -41.06 12.22 -9.56
N GLY A 278 -40.34 11.32 -10.22
CA GLY A 278 -39.21 10.69 -9.58
C GLY A 278 -39.64 9.68 -8.51
N ILE A 279 -38.71 9.44 -7.57
CA ILE A 279 -38.94 8.47 -6.52
C ILE A 279 -39.56 9.12 -5.28
N ASN A 280 -39.44 10.44 -5.14
CA ASN A 280 -39.88 11.13 -3.94
C ASN A 280 -40.85 12.27 -4.27
N GLY A 281 -41.68 12.08 -5.30
CA GLY A 281 -42.62 13.11 -5.71
C GLY A 281 -43.89 12.57 -6.37
N ALA B 1 11.10 21.26 9.66
CA ALA B 1 11.49 19.87 9.83
C ALA B 1 11.95 19.24 8.52
N GLU B 2 12.24 17.95 8.55
CA GLU B 2 12.77 17.26 7.38
C GLU B 2 11.69 17.16 6.29
N TYR B 3 12.17 17.08 5.05
CA TYR B 3 11.32 16.83 3.91
C TYR B 3 10.87 15.36 3.90
N GLN B 4 9.59 15.14 3.61
CA GLN B 4 8.97 13.84 3.77
C GLN B 4 8.74 13.12 2.45
N ASN B 5 8.96 13.78 1.32
CA ASN B 5 8.76 13.22 -0.01
C ASN B 5 7.33 12.78 -0.27
N ILE B 6 6.36 13.41 0.39
CA ILE B 6 4.96 13.14 0.05
C ILE B 6 4.53 14.00 -1.13
N PHE B 7 5.01 15.24 -1.18
CA PHE B 7 4.73 16.14 -2.30
C PHE B 7 6.04 16.67 -2.88
N THR B 8 6.11 16.67 -4.21
CA THR B 8 7.26 17.19 -4.93
C THR B 8 7.53 18.64 -4.57
N GLN B 9 8.80 19.00 -4.39
CA GLN B 9 9.12 20.41 -4.18
C GLN B 9 9.35 21.15 -5.49
N VAL B 10 10.01 20.52 -6.47
CA VAL B 10 10.42 21.17 -7.71
C VAL B 10 10.07 20.25 -8.87
N GLN B 11 9.06 20.62 -9.66
CA GLN B 11 8.76 19.83 -10.85
C GLN B 11 9.69 20.22 -11.98
N VAL B 12 10.07 19.21 -12.77
CA VAL B 12 10.84 19.42 -13.98
C VAL B 12 10.08 18.77 -15.12
N ARG B 13 10.07 19.42 -16.27
CA ARG B 13 9.44 18.86 -17.45
C ARG B 13 10.46 18.82 -18.58
N GLY B 14 10.36 17.79 -19.41
CA GLY B 14 11.11 17.68 -20.63
C GLY B 14 10.15 17.37 -21.77
N PRO B 15 10.68 16.95 -22.92
CA PRO B 15 9.81 16.67 -24.06
C PRO B 15 8.84 15.54 -23.72
N ALA B 16 7.63 15.62 -24.27
CA ALA B 16 6.63 14.62 -23.98
C ALA B 16 7.17 13.25 -24.32
N ASP B 17 7.01 12.32 -23.38
CA ASP B 17 7.57 10.98 -23.51
C ASP B 17 6.57 10.06 -24.20
N LEU B 18 6.93 9.58 -25.39
CA LEU B 18 6.00 8.80 -26.19
C LEU B 18 6.07 7.32 -25.89
N GLY B 19 7.07 6.89 -25.12
CA GLY B 19 7.10 5.58 -24.53
C GLY B 19 7.87 4.58 -25.37
N MET B 20 8.11 3.42 -24.75
N MET B 20 8.15 3.44 -24.73
CA MET B 20 8.76 2.32 -25.43
CA MET B 20 8.74 2.31 -25.43
C MET B 20 7.85 1.78 -26.52
C MET B 20 7.84 1.88 -26.57
N THR B 21 8.45 1.39 -27.64
CA THR B 21 7.67 0.90 -28.77
C THR B 21 7.61 -0.61 -28.82
N GLU B 22 8.74 -1.30 -28.61
CA GLU B 22 8.77 -2.76 -28.70
C GLU B 22 7.94 -3.22 -29.90
N ASP B 23 6.95 -4.07 -29.68
CA ASP B 23 6.09 -4.58 -30.73
C ASP B 23 4.73 -3.90 -30.80
N VAL B 24 4.63 -2.67 -30.30
CA VAL B 24 3.35 -1.96 -30.27
C VAL B 24 3.11 -1.34 -31.63
N ASN B 25 1.91 -1.53 -32.16
CA ASN B 25 1.49 -0.83 -33.38
C ASN B 25 1.29 0.65 -33.05
N LEU B 26 2.31 1.46 -33.33
CA LEU B 26 2.27 2.89 -33.00
C LEU B 26 1.19 3.64 -33.74
N ALA B 27 0.58 3.04 -34.78
CA ALA B 27 -0.50 3.73 -35.48
C ALA B 27 -1.71 3.91 -34.58
N ASN B 28 -1.87 3.03 -33.59
CA ASN B 28 -3.01 3.04 -32.69
C ASN B 28 -2.74 3.83 -31.42
N ARG B 29 -1.57 4.42 -31.29
CA ARG B 29 -1.25 5.21 -30.11
C ARG B 29 -1.59 6.66 -30.42
N SER B 30 -2.28 7.31 -29.50
CA SER B 30 -2.69 8.70 -29.67
C SER B 30 -1.46 9.59 -29.59
N GLY B 31 -1.70 10.89 -29.50
CA GLY B 31 -0.67 11.82 -29.12
C GLY B 31 -0.86 12.19 -27.67
N VAL B 32 0.20 12.71 -27.07
CA VAL B 32 0.15 13.00 -25.64
C VAL B 32 -0.90 14.06 -25.39
N GLY B 33 -1.56 13.95 -24.24
CA GLY B 33 -2.44 15.00 -23.77
C GLY B 33 -1.64 16.18 -23.22
N PRO B 34 -2.31 17.04 -22.47
CA PRO B 34 -1.62 18.15 -21.80
C PRO B 34 -0.81 17.64 -20.60
N PHE B 35 -0.21 18.58 -19.89
CA PHE B 35 0.60 18.32 -18.71
C PHE B 35 -0.11 18.93 -17.52
N SER B 36 -0.56 18.10 -16.59
CA SER B 36 -1.18 18.60 -15.37
C SER B 36 -0.11 18.88 -14.31
N THR B 37 0.28 20.14 -14.18
CA THR B 37 1.06 20.55 -13.02
C THR B 37 0.42 20.14 -11.69
N LEU B 38 -0.91 20.09 -11.61
CA LEU B 38 -1.55 19.69 -10.37
C LEU B 38 -1.14 18.27 -10.00
N LEU B 39 -1.38 17.32 -10.91
CA LEU B 39 -0.90 15.96 -10.74
C LEU B 39 0.59 15.91 -10.41
N GLY B 40 1.38 16.79 -11.03
CA GLY B 40 2.82 16.78 -10.87
C GLY B 40 3.30 16.92 -9.45
N TRP B 41 2.49 17.51 -8.55
CA TRP B 41 2.90 17.57 -7.16
C TRP B 41 2.88 16.20 -6.47
N PHE B 42 2.20 15.21 -7.04
CA PHE B 42 2.04 13.91 -6.40
C PHE B 42 2.67 12.80 -7.23
N GLY B 43 2.32 12.73 -8.51
CA GLY B 43 2.88 11.78 -9.45
C GLY B 43 3.38 12.49 -10.70
N ASN B 44 3.19 11.80 -11.83
CA ASN B 44 3.56 12.32 -13.14
C ASN B 44 2.61 13.43 -13.58
N ALA B 45 3.18 14.44 -14.25
CA ALA B 45 2.40 15.53 -14.82
C ALA B 45 1.87 15.21 -16.23
N GLN B 46 2.42 14.21 -16.91
CA GLN B 46 2.09 13.98 -18.31
C GLN B 46 0.83 13.13 -18.43
N LEU B 47 -0.19 13.66 -19.09
CA LEU B 47 -1.28 12.84 -19.57
C LEU B 47 -0.98 12.33 -20.97
N GLY B 48 -1.51 11.15 -21.29
CA GLY B 48 -1.31 10.53 -22.59
C GLY B 48 0.13 10.14 -22.91
N PRO B 49 0.34 9.51 -24.05
CA PRO B 49 -0.68 9.07 -25.01
C PRO B 49 -1.43 7.85 -24.52
N ILE B 50 -2.49 7.48 -25.23
CA ILE B 50 -3.23 6.26 -24.96
C ILE B 50 -3.24 5.43 -26.24
N TYR B 51 -3.23 4.13 -26.08
CA TYR B 51 -3.41 3.21 -27.18
C TYR B 51 -4.89 2.90 -27.32
N LEU B 52 -5.38 2.89 -28.56
CA LEU B 52 -6.78 2.58 -28.80
C LEU B 52 -6.89 1.88 -30.15
N GLY B 53 -6.63 0.58 -30.13
CA GLY B 53 -6.91 -0.28 -31.26
C GLY B 53 -8.38 -0.63 -31.34
N SER B 54 -8.68 -1.66 -32.13
CA SER B 54 -10.08 -2.02 -32.36
C SER B 54 -10.73 -2.56 -31.09
N LEU B 55 -10.09 -3.53 -30.45
CA LEU B 55 -10.55 -3.98 -29.13
C LEU B 55 -10.74 -2.80 -28.19
N GLY B 56 -9.83 -1.83 -28.22
CA GLY B 56 -9.98 -0.63 -27.44
C GLY B 56 -11.27 0.14 -27.69
N VAL B 57 -11.53 0.50 -28.95
CA VAL B 57 -12.75 1.26 -29.24
C VAL B 57 -13.99 0.43 -28.94
N LEU B 58 -13.94 -0.88 -29.22
CA LEU B 58 -15.05 -1.76 -28.86
C LEU B 58 -15.37 -1.62 -27.38
N SER B 59 -14.39 -1.90 -26.52
CA SER B 59 -14.57 -1.82 -25.07
C SER B 59 -15.12 -0.47 -24.65
N LEU B 60 -14.44 0.60 -25.07
CA LEU B 60 -14.88 1.95 -24.72
C LEU B 60 -16.31 2.20 -25.15
N PHE B 61 -16.69 1.72 -26.34
CA PHE B 61 -18.02 2.00 -26.86
C PHE B 61 -19.10 1.28 -26.03
N SER B 62 -18.93 -0.03 -25.80
CA SER B 62 -19.94 -0.75 -25.05
C SER B 62 -19.99 -0.31 -23.59
N GLY B 63 -18.90 0.23 -23.07
CA GLY B 63 -18.90 0.76 -21.72
C GLY B 63 -19.86 1.93 -21.58
N LEU B 64 -19.75 2.90 -22.48
CA LEU B 64 -20.68 4.03 -22.47
C LEU B 64 -22.10 3.58 -22.81
N MET B 65 -22.23 2.60 -23.70
CA MET B 65 -23.55 2.04 -23.98
C MET B 65 -24.17 1.49 -22.71
N TRP B 66 -23.40 0.75 -21.92
CA TRP B 66 -23.88 0.31 -20.61
C TRP B 66 -24.30 1.50 -19.76
N PHE B 67 -23.48 2.55 -19.76
CA PHE B 67 -23.69 3.70 -18.89
C PHE B 67 -24.88 4.53 -19.34
N PHE B 68 -24.96 4.83 -20.64
CA PHE B 68 -26.10 5.58 -21.16
C PHE B 68 -27.40 4.78 -21.04
N THR B 69 -27.34 3.45 -21.20
CA THR B 69 -28.55 2.67 -21.03
C THR B 69 -29.13 2.84 -19.62
N ILE B 70 -28.27 2.92 -18.61
CA ILE B 70 -28.73 3.20 -17.26
C ILE B 70 -29.27 4.63 -17.16
N GLY B 71 -28.48 5.61 -17.62
CA GLY B 71 -28.88 7.01 -17.49
C GLY B 71 -30.15 7.37 -18.24
N ILE B 72 -30.38 6.72 -19.39
CA ILE B 72 -31.67 6.82 -20.06
C ILE B 72 -32.78 6.38 -19.11
N TRP B 73 -32.67 5.18 -18.53
CA TRP B 73 -33.69 4.72 -17.60
C TRP B 73 -33.81 5.63 -16.39
N PHE B 74 -32.72 6.28 -15.99
CA PHE B 74 -32.80 7.21 -14.86
C PHE B 74 -33.60 8.46 -15.21
N TRP B 75 -33.41 8.98 -16.42
CA TRP B 75 -34.19 10.13 -16.86
C TRP B 75 -35.67 9.79 -16.92
N TYR B 76 -36.02 8.64 -17.49
CA TYR B 76 -37.42 8.25 -17.56
C TYR B 76 -38.03 8.08 -16.19
N GLN B 77 -37.24 7.60 -15.22
CA GLN B 77 -37.74 7.53 -13.85
C GLN B 77 -37.93 8.92 -13.25
N ALA B 78 -37.23 9.92 -13.80
CA ALA B 78 -37.38 11.31 -13.41
C ALA B 78 -38.44 12.04 -14.24
N GLY B 79 -39.15 11.32 -15.12
CA GLY B 79 -40.03 11.98 -16.06
C GLY B 79 -39.35 13.11 -16.81
N TRP B 80 -38.08 12.93 -17.15
CA TRP B 80 -37.30 13.83 -17.98
C TRP B 80 -37.10 15.21 -17.35
N ASN B 81 -37.39 15.36 -16.05
CA ASN B 81 -37.30 16.64 -15.38
C ASN B 81 -35.91 16.80 -14.77
N PRO B 82 -35.02 17.62 -15.34
CA PRO B 82 -33.65 17.72 -14.81
C PRO B 82 -33.55 17.97 -13.31
N ALA B 83 -34.51 18.68 -12.71
CA ALA B 83 -34.40 18.98 -11.29
C ALA B 83 -34.64 17.75 -10.43
N VAL B 84 -35.58 16.88 -10.83
CA VAL B 84 -35.78 15.66 -10.06
C VAL B 84 -34.69 14.64 -10.37
N PHE B 85 -34.16 14.66 -11.60
CA PHE B 85 -33.07 13.77 -11.97
C PHE B 85 -31.89 13.92 -11.02
N LEU B 86 -31.54 15.16 -10.67
CA LEU B 86 -30.50 15.37 -9.68
C LEU B 86 -31.00 15.08 -8.28
N ARG B 87 -32.22 15.51 -7.97
CA ARG B 87 -32.74 15.35 -6.62
C ARG B 87 -32.78 13.89 -6.20
N ASP B 88 -33.20 13.01 -7.11
CA ASP B 88 -33.39 11.60 -6.83
C ASP B 88 -32.28 10.74 -7.43
N LEU B 89 -31.11 11.32 -7.68
CA LEU B 89 -30.08 10.63 -8.44
C LEU B 89 -29.66 9.32 -7.79
N PHE B 90 -29.56 9.30 -6.46
CA PHE B 90 -29.11 8.09 -5.79
C PHE B 90 -30.23 7.07 -5.58
N PHE B 91 -31.48 7.43 -5.93
CA PHE B 91 -32.61 6.53 -5.69
C PHE B 91 -33.08 5.81 -6.94
N PHE B 92 -32.75 6.32 -8.13
CA PHE B 92 -33.09 5.58 -9.35
C PHE B 92 -32.37 4.25 -9.37
N SER B 93 -32.94 3.31 -10.13
CA SER B 93 -32.38 1.96 -10.15
C SER B 93 -32.89 1.25 -11.39
N LEU B 94 -31.98 0.56 -12.09
CA LEU B 94 -32.33 -0.30 -13.22
C LEU B 94 -32.22 -1.74 -12.72
N GLU B 95 -33.35 -2.35 -12.46
CA GLU B 95 -33.55 -3.63 -11.80
C GLU B 95 -33.58 -4.77 -12.81
N PRO B 96 -33.15 -5.97 -12.41
CA PRO B 96 -33.18 -7.12 -13.32
C PRO B 96 -34.58 -7.66 -13.50
N PRO B 97 -34.77 -8.64 -14.41
CA PRO B 97 -36.08 -9.30 -14.52
C PRO B 97 -36.56 -9.86 -13.19
N ALA B 98 -37.89 -9.82 -13.00
CA ALA B 98 -38.53 -10.45 -11.86
C ALA B 98 -38.25 -11.96 -11.86
N PRO B 99 -38.40 -12.64 -10.71
CA PRO B 99 -38.13 -14.09 -10.70
C PRO B 99 -38.97 -14.88 -11.69
N GLU B 100 -40.16 -14.36 -12.03
CA GLU B 100 -41.08 -15.05 -12.93
C GLU B 100 -40.39 -15.44 -14.23
N TYR B 101 -39.61 -14.52 -14.80
CA TYR B 101 -39.04 -14.70 -16.13
C TYR B 101 -37.84 -15.64 -16.14
N GLY B 102 -37.42 -16.15 -14.98
CA GLY B 102 -36.34 -17.12 -14.92
C GLY B 102 -35.05 -16.57 -15.52
N LEU B 103 -34.36 -17.44 -16.26
CA LEU B 103 -33.17 -17.04 -17.00
C LEU B 103 -33.49 -16.61 -18.43
N SER B 104 -34.76 -16.36 -18.74
CA SER B 104 -35.13 -16.05 -20.11
C SER B 104 -34.81 -14.59 -20.41
N PHE B 105 -34.91 -14.25 -21.69
CA PHE B 105 -34.76 -12.88 -22.17
C PHE B 105 -36.10 -12.29 -22.61
N ALA B 106 -37.20 -12.84 -22.08
CA ALA B 106 -38.52 -12.47 -22.54
C ALA B 106 -39.08 -11.25 -21.82
N ALA B 107 -38.48 -10.84 -20.70
CA ALA B 107 -39.07 -9.80 -19.88
C ALA B 107 -39.20 -8.50 -20.69
N PRO B 108 -40.25 -7.71 -20.45
CA PRO B 108 -40.37 -6.43 -21.16
C PRO B 108 -39.29 -5.46 -20.72
N LEU B 109 -39.01 -4.50 -21.60
CA LEU B 109 -37.87 -3.62 -21.40
C LEU B 109 -37.96 -2.83 -20.09
N LYS B 110 -39.13 -2.30 -19.75
CA LYS B 110 -39.26 -1.61 -18.48
C LYS B 110 -39.47 -2.56 -17.31
N GLU B 111 -39.18 -3.84 -17.47
CA GLU B 111 -39.25 -4.80 -16.38
C GLU B 111 -38.07 -5.77 -16.44
N GLY B 112 -36.89 -5.26 -16.78
CA GLY B 112 -35.68 -6.05 -16.75
C GLY B 112 -35.09 -6.34 -18.10
N GLY B 113 -35.87 -6.21 -19.18
CA GLY B 113 -35.28 -6.33 -20.50
C GLY B 113 -34.18 -5.31 -20.71
N LEU B 114 -34.35 -4.12 -20.14
CA LEU B 114 -33.32 -3.08 -20.23
C LEU B 114 -32.13 -3.44 -19.35
N TRP B 115 -32.38 -3.99 -18.16
CA TRP B 115 -31.28 -4.47 -17.33
C TRP B 115 -30.40 -5.43 -18.12
N LEU B 116 -31.02 -6.41 -18.79
CA LEU B 116 -30.26 -7.40 -19.56
C LEU B 116 -29.50 -6.73 -20.71
N ILE B 117 -30.06 -5.66 -21.27
CA ILE B 117 -29.38 -4.96 -22.35
C ILE B 117 -28.11 -4.30 -21.82
N ALA B 118 -28.25 -3.48 -20.78
CA ALA B 118 -27.09 -2.84 -20.17
C ALA B 118 -26.08 -3.88 -19.65
N SER B 119 -26.58 -4.97 -19.07
CA SER B 119 -25.67 -6.02 -18.62
C SER B 119 -24.86 -6.58 -19.79
N PHE B 120 -25.51 -6.76 -20.94
CA PHE B 120 -24.79 -7.25 -22.12
C PHE B 120 -23.67 -6.32 -22.51
N PHE B 121 -23.96 -5.01 -22.57
CA PHE B 121 -22.92 -4.01 -22.85
C PHE B 121 -21.80 -4.08 -21.81
N MET B 122 -22.15 -4.20 -20.53
CA MET B 122 -21.13 -4.35 -19.50
C MET B 122 -20.29 -5.60 -19.72
N PHE B 123 -20.93 -6.74 -19.94
CA PHE B 123 -20.21 -7.97 -20.22
C PHE B 123 -19.17 -7.76 -21.32
N VAL B 124 -19.61 -7.22 -22.46
CA VAL B 124 -18.73 -6.95 -23.60
C VAL B 124 -17.58 -6.03 -23.19
N ALA B 125 -17.89 -4.91 -22.52
CA ALA B 125 -16.88 -3.91 -22.21
C ALA B 125 -15.80 -4.47 -21.27
N VAL B 126 -16.20 -5.20 -20.24
CA VAL B 126 -15.23 -5.70 -19.26
C VAL B 126 -14.33 -6.74 -19.91
N TRP B 127 -14.93 -7.70 -20.60
CA TRP B 127 -14.13 -8.80 -21.15
C TRP B 127 -13.21 -8.31 -22.27
N SER B 128 -13.67 -7.36 -23.08
CA SER B 128 -12.77 -6.79 -24.06
C SER B 128 -11.65 -6.03 -23.36
N TRP B 129 -11.99 -5.24 -22.34
CA TRP B 129 -10.97 -4.54 -21.57
C TRP B 129 -9.97 -5.53 -20.95
N TRP B 130 -10.45 -6.68 -20.48
CA TRP B 130 -9.52 -7.70 -20.02
C TRP B 130 -8.53 -8.06 -21.13
N GLY B 131 -9.05 -8.32 -22.34
CA GLY B 131 -8.16 -8.66 -23.44
C GLY B 131 -7.13 -7.58 -23.68
N ARG B 132 -7.55 -6.32 -23.58
CA ARG B 132 -6.64 -5.18 -23.66
C ARG B 132 -5.50 -5.28 -22.65
N THR B 133 -5.78 -5.69 -21.40
CA THR B 133 -4.69 -5.73 -20.43
C THR B 133 -3.67 -6.81 -20.76
N TYR B 134 -4.13 -7.94 -21.30
CA TYR B 134 -3.19 -8.95 -21.79
C TYR B 134 -2.41 -8.43 -22.99
N LEU B 135 -3.11 -7.96 -24.02
CA LEU B 135 -2.48 -7.59 -25.29
C LEU B 135 -1.48 -6.45 -25.13
N ARG B 136 -1.81 -5.40 -24.34
CA ARG B 136 -0.86 -4.29 -24.17
C ARG B 136 0.41 -4.72 -23.47
N ALA B 137 0.33 -5.74 -22.61
CA ALA B 137 1.53 -6.28 -21.98
C ALA B 137 2.31 -7.14 -22.96
N GLN B 138 1.60 -7.92 -23.77
CA GLN B 138 2.24 -8.74 -24.79
C GLN B 138 3.01 -7.87 -25.78
N ALA B 139 2.38 -6.79 -26.25
CA ALA B 139 3.04 -5.90 -27.19
C ALA B 139 4.34 -5.35 -26.63
N LEU B 140 4.44 -5.26 -25.31
CA LEU B 140 5.62 -4.70 -24.66
C LEU B 140 6.58 -5.77 -24.14
N GLY B 141 6.25 -7.05 -24.32
CA GLY B 141 7.11 -8.13 -23.88
C GLY B 141 7.07 -8.42 -22.40
N MET B 142 6.14 -7.81 -21.67
CA MET B 142 6.03 -7.91 -20.23
C MET B 142 5.21 -9.13 -19.82
N GLY B 143 5.36 -9.52 -18.56
CA GLY B 143 4.55 -10.61 -18.03
C GLY B 143 3.07 -10.28 -18.04
N LYS B 144 2.24 -11.30 -17.83
CA LYS B 144 0.80 -11.13 -17.88
C LYS B 144 0.15 -10.95 -16.50
N HIS B 145 0.95 -10.49 -15.53
CA HIS B 145 0.48 -10.39 -14.15
C HIS B 145 -0.74 -9.49 -14.03
N THR B 146 -0.76 -8.38 -14.76
CA THR B 146 -1.87 -7.43 -14.65
C THR B 146 -3.18 -8.07 -15.09
N ALA B 147 -3.18 -8.76 -16.23
CA ALA B 147 -4.39 -9.42 -16.68
C ALA B 147 -4.76 -10.56 -15.76
N TRP B 148 -3.76 -11.23 -15.17
CA TRP B 148 -4.08 -12.31 -14.26
C TRP B 148 -4.70 -11.80 -12.97
N ALA B 149 -4.19 -10.68 -12.44
CA ALA B 149 -4.82 -10.05 -11.30
C ALA B 149 -6.22 -9.55 -11.65
N PHE B 150 -6.35 -8.90 -12.80
CA PHE B 150 -7.65 -8.40 -13.23
C PHE B 150 -8.69 -9.52 -13.28
N LEU B 151 -8.26 -10.73 -13.63
CA LEU B 151 -9.18 -11.85 -13.68
C LEU B 151 -9.83 -12.11 -12.31
N SER B 152 -9.10 -11.82 -11.23
CA SER B 152 -9.61 -12.08 -9.89
C SER B 152 -10.76 -11.14 -9.54
N ALA B 153 -10.66 -9.87 -9.92
CA ALA B 153 -11.80 -8.96 -9.76
C ALA B 153 -12.95 -9.37 -10.70
N ILE B 154 -12.62 -9.77 -11.92
CA ILE B 154 -13.62 -10.22 -12.87
C ILE B 154 -14.37 -11.42 -12.31
N TRP B 155 -13.66 -12.31 -11.62
CA TRP B 155 -14.28 -13.45 -10.94
C TRP B 155 -15.49 -13.03 -10.10
N LEU B 156 -15.29 -12.11 -9.15
CA LEU B 156 -16.39 -11.68 -8.27
C LEU B 156 -17.53 -11.08 -9.07
N TRP B 157 -17.21 -10.10 -9.93
CA TRP B 157 -18.19 -9.50 -10.81
C TRP B 157 -18.93 -10.55 -11.65
N MET B 158 -18.20 -11.50 -12.23
CA MET B 158 -18.87 -12.58 -12.95
C MET B 158 -19.82 -13.37 -12.05
N VAL B 159 -19.37 -13.69 -10.83
CA VAL B 159 -20.23 -14.44 -9.91
C VAL B 159 -21.48 -13.64 -9.55
N LEU B 160 -21.33 -12.34 -9.28
CA LEU B 160 -22.45 -11.53 -8.82
C LEU B 160 -23.51 -11.34 -9.89
N GLY B 161 -23.12 -11.18 -11.14
CA GLY B 161 -24.06 -10.78 -12.17
C GLY B 161 -24.41 -11.86 -13.18
N PHE B 162 -23.71 -12.98 -13.15
CA PHE B 162 -23.84 -13.95 -14.23
C PHE B 162 -23.84 -15.38 -13.72
N ILE B 163 -22.71 -15.85 -13.18
CA ILE B 163 -22.62 -17.25 -12.76
C ILE B 163 -23.65 -17.57 -11.67
N ARG B 164 -23.76 -16.72 -10.65
CA ARG B 164 -24.69 -17.03 -9.57
C ARG B 164 -26.15 -16.85 -10.00
N PRO B 165 -26.51 -15.80 -10.74
CA PRO B 165 -27.89 -15.78 -11.29
C PRO B 165 -28.23 -17.03 -12.09
N ILE B 166 -27.27 -17.54 -12.88
CA ILE B 166 -27.53 -18.73 -13.70
C ILE B 166 -27.70 -19.95 -12.82
N LEU B 167 -26.77 -20.15 -11.87
CA LEU B 167 -26.86 -21.29 -10.97
C LEU B 167 -28.12 -21.24 -10.10
N MET B 168 -28.62 -20.05 -9.78
CA MET B 168 -29.84 -19.92 -9.00
C MET B 168 -31.10 -19.96 -9.86
N GLY B 169 -30.99 -19.96 -11.18
CA GLY B 169 -32.11 -20.14 -12.06
C GLY B 169 -32.87 -18.88 -12.47
N SER B 170 -32.44 -17.70 -12.04
CA SER B 170 -33.12 -16.48 -12.46
C SER B 170 -32.16 -15.31 -12.44
N TRP B 171 -32.44 -14.33 -13.31
CA TRP B 171 -31.75 -13.04 -13.30
C TRP B 171 -32.15 -12.18 -12.11
N SER B 172 -33.20 -12.53 -11.38
CA SER B 172 -33.65 -11.66 -10.30
C SER B 172 -32.62 -11.56 -9.20
N GLU B 173 -31.73 -12.56 -9.11
CA GLU B 173 -30.71 -12.61 -8.06
C GLU B 173 -29.61 -11.58 -8.26
N ALA B 174 -29.42 -11.08 -9.48
CA ALA B 174 -28.29 -10.22 -9.83
C ALA B 174 -28.39 -8.84 -9.18
N VAL B 175 -27.31 -8.07 -9.28
CA VAL B 175 -27.25 -6.76 -8.61
C VAL B 175 -27.91 -5.72 -9.51
N PRO B 176 -28.75 -4.84 -8.96
CA PRO B 176 -29.32 -3.76 -9.77
C PRO B 176 -28.33 -2.64 -9.98
N TYR B 177 -28.44 -1.97 -11.13
CA TYR B 177 -27.64 -0.78 -11.40
C TYR B 177 -28.30 0.42 -10.73
N GLY B 178 -27.77 0.84 -9.57
CA GLY B 178 -28.22 2.03 -8.86
C GLY B 178 -27.43 2.26 -7.59
N ILE B 179 -27.22 3.52 -7.20
CA ILE B 179 -26.36 3.84 -6.07
C ILE B 179 -26.93 3.26 -4.78
N PHE B 180 -28.08 3.80 -4.32
CA PHE B 180 -28.64 3.29 -3.07
C PHE B 180 -29.20 1.88 -3.23
N SER B 181 -29.64 1.53 -4.44
CA SER B 181 -30.34 0.26 -4.59
C SER B 181 -29.39 -0.93 -4.47
N HIS B 182 -28.15 -0.78 -4.95
CA HIS B 182 -27.23 -1.90 -4.82
C HIS B 182 -26.61 -1.99 -3.44
N LEU B 183 -26.55 -0.87 -2.70
CA LEU B 183 -26.28 -0.96 -1.26
C LEU B 183 -27.36 -1.76 -0.55
N ASP B 184 -28.63 -1.51 -0.88
CA ASP B 184 -29.71 -2.29 -0.30
C ASP B 184 -29.62 -3.75 -0.70
N TRP B 185 -29.35 -4.02 -1.99
CA TRP B 185 -29.11 -5.39 -2.43
C TRP B 185 -28.07 -6.07 -1.55
N THR B 186 -26.96 -5.38 -1.30
CA THR B 186 -25.89 -5.92 -0.46
C THR B 186 -26.39 -6.28 0.92
N ASN B 187 -27.07 -5.35 1.58
CA ASN B 187 -27.55 -5.60 2.93
C ASN B 187 -28.55 -6.75 2.93
N ASN B 188 -29.46 -6.76 1.97
CA ASN B 188 -30.49 -7.80 2.01
C ASN B 188 -29.93 -9.16 1.64
N PHE B 189 -28.91 -9.19 0.76
CA PHE B 189 -28.22 -10.45 0.47
C PHE B 189 -27.69 -11.09 1.75
N SER B 190 -27.12 -10.27 2.64
CA SER B 190 -26.58 -10.81 3.89
C SER B 190 -27.70 -11.35 4.77
N LEU B 191 -28.75 -10.54 4.99
CA LEU B 191 -29.89 -10.96 5.83
C LEU B 191 -30.50 -12.25 5.33
N VAL B 192 -30.72 -12.35 4.01
CA VAL B 192 -31.35 -13.53 3.39
C VAL B 192 -30.50 -14.79 3.58
N HIS B 193 -29.18 -14.66 3.76
CA HIS B 193 -28.31 -15.83 3.86
C HIS B 193 -27.77 -16.02 5.29
N GLY B 194 -28.41 -15.39 6.27
CA GLY B 194 -28.07 -15.68 7.64
C GLY B 194 -26.82 -15.01 8.13
N ASN B 195 -26.47 -13.84 7.57
CA ASN B 195 -25.38 -12.97 8.03
C ASN B 195 -24.03 -13.41 7.46
N LEU B 196 -23.56 -12.72 6.41
CA LEU B 196 -22.31 -13.08 5.76
C LEU B 196 -21.12 -13.04 6.71
N HIS B 197 -21.24 -12.38 7.86
CA HIS B 197 -20.15 -12.46 8.83
C HIS B 197 -19.82 -13.89 9.20
N TYR B 198 -20.75 -14.83 8.96
CA TYR B 198 -20.52 -16.26 9.24
C TYR B 198 -20.06 -17.03 8.01
N ASN B 199 -20.01 -16.39 6.84
CA ASN B 199 -19.42 -16.97 5.65
C ASN B 199 -17.90 -16.94 5.80
N PRO B 200 -17.23 -18.09 5.94
CA PRO B 200 -15.78 -18.06 6.19
C PRO B 200 -14.99 -17.43 5.06
N PHE B 201 -15.46 -17.56 3.81
CA PHE B 201 -14.83 -16.87 2.68
C PHE B 201 -15.04 -15.37 2.74
N HIS B 202 -16.17 -14.92 3.31
CA HIS B 202 -16.37 -13.49 3.54
C HIS B 202 -15.39 -12.96 4.58
N GLY B 203 -15.20 -13.69 5.67
CA GLY B 203 -14.20 -13.29 6.65
C GLY B 203 -12.81 -13.19 6.05
N LEU B 204 -12.44 -14.18 5.21
CA LEU B 204 -11.14 -14.13 4.56
C LEU B 204 -11.02 -12.92 3.66
N SER B 205 -12.06 -12.65 2.87
CA SER B 205 -12.11 -11.45 2.05
C SER B 205 -11.83 -10.20 2.87
N ILE B 206 -12.40 -10.11 4.07
CA ILE B 206 -12.13 -8.93 4.91
C ILE B 206 -10.67 -8.91 5.36
N ALA B 207 -10.13 -10.07 5.75
CA ALA B 207 -8.76 -10.13 6.21
C ALA B 207 -7.79 -9.65 5.12
N PHE B 208 -8.05 -10.07 3.88
CA PHE B 208 -7.21 -9.62 2.78
C PHE B 208 -7.47 -8.17 2.44
N LEU B 209 -8.72 -7.72 2.57
CA LEU B 209 -9.06 -6.33 2.29
C LEU B 209 -8.38 -5.41 3.30
N TYR B 210 -8.59 -5.68 4.59
CA TYR B 210 -7.83 -4.98 5.64
C TYR B 210 -6.33 -5.15 5.40
N GLY B 211 -5.90 -6.41 5.16
CA GLY B 211 -4.50 -6.71 4.90
C GLY B 211 -3.90 -5.87 3.78
N SER B 212 -4.68 -5.62 2.72
CA SER B 212 -4.17 -4.82 1.62
C SER B 212 -3.89 -3.39 2.08
N ALA B 213 -4.78 -2.81 2.89
CA ALA B 213 -4.48 -1.50 3.44
C ALA B 213 -3.28 -1.55 4.38
N LEU B 214 -3.16 -2.63 5.18
CA LEU B 214 -1.97 -2.82 6.00
C LEU B 214 -0.71 -2.89 5.14
N LEU B 215 -0.69 -3.83 4.18
CA LEU B 215 0.51 -4.06 3.39
C LEU B 215 0.89 -2.85 2.55
N PHE B 216 -0.09 -2.22 1.90
CA PHE B 216 0.26 -1.06 1.09
C PHE B 216 0.67 0.12 1.95
N ALA B 217 0.09 0.27 3.15
CA ALA B 217 0.63 1.24 4.11
C ALA B 217 2.08 0.93 4.45
N MET B 218 2.35 -0.32 4.88
CA MET B 218 3.72 -0.73 5.18
C MET B 218 4.63 -0.47 3.99
N HIS B 219 4.25 -1.03 2.83
CA HIS B 219 5.10 -0.94 1.66
C HIS B 219 5.32 0.51 1.20
N GLY B 220 4.23 1.24 0.98
CA GLY B 220 4.35 2.62 0.55
C GLY B 220 5.16 3.45 1.52
N ALA B 221 4.99 3.20 2.82
CA ALA B 221 5.75 3.95 3.81
C ALA B 221 7.22 3.57 3.75
N THR B 222 7.50 2.27 3.56
CA THR B 222 8.88 1.80 3.51
C THR B 222 9.64 2.45 2.36
N ILE B 223 9.05 2.40 1.15
CA ILE B 223 9.70 2.96 -0.03
C ILE B 223 9.92 4.47 0.14
N LEU B 224 8.95 5.18 0.69
CA LEU B 224 9.19 6.59 0.95
C LEU B 224 10.32 6.77 1.97
N ALA B 225 10.36 5.90 2.98
CA ALA B 225 11.37 6.03 4.03
C ALA B 225 12.78 5.82 3.48
N VAL B 226 12.93 5.03 2.42
CA VAL B 226 14.24 4.82 1.79
C VAL B 226 14.28 5.44 0.39
N SER B 227 13.43 6.41 0.10
CA SER B 227 13.58 7.08 -1.19
C SER B 227 14.76 8.05 -1.21
N ARG B 228 15.35 8.31 -0.04
CA ARG B 228 16.59 9.08 0.06
C ARG B 228 17.81 8.27 -0.38
N PHE B 229 17.62 6.98 -0.72
CA PHE B 229 18.62 6.15 -1.38
C PHE B 229 18.04 5.56 -2.66
N GLY B 230 17.12 6.25 -3.30
CA GLY B 230 16.58 5.76 -4.56
C GLY B 230 15.66 4.56 -4.46
N GLY B 231 15.07 4.31 -3.27
CA GLY B 231 14.30 3.10 -3.06
C GLY B 231 13.20 2.82 -4.07
N GLU B 232 12.59 3.87 -4.64
CA GLU B 232 11.45 3.60 -5.53
C GLU B 232 11.89 3.08 -6.89
N ARG B 233 13.19 3.09 -7.18
CA ARG B 233 13.71 2.54 -8.43
C ARG B 233 13.83 1.03 -8.24
N GLU B 234 12.66 0.42 -8.11
CA GLU B 234 12.59 -0.93 -7.59
C GLU B 234 13.20 -1.96 -8.55
N LEU B 235 13.00 -1.77 -9.85
CA LEU B 235 13.48 -2.80 -10.76
C LEU B 235 15.00 -2.87 -10.76
N GLU B 236 15.67 -1.72 -10.64
CA GLU B 236 17.12 -1.71 -10.57
C GLU B 236 17.62 -2.14 -9.20
N GLN B 237 16.83 -1.92 -8.14
CA GLN B 237 17.19 -2.49 -6.85
C GLN B 237 17.02 -4.01 -6.87
N ILE B 238 16.09 -4.50 -7.71
CA ILE B 238 16.00 -5.94 -7.86
C ILE B 238 17.21 -6.48 -8.60
N ALA B 239 17.64 -5.78 -9.65
CA ALA B 239 18.75 -6.29 -10.45
C ALA B 239 20.08 -6.11 -9.75
N ASP B 240 20.17 -5.13 -8.85
CA ASP B 240 21.45 -4.79 -8.23
C ASP B 240 21.13 -4.09 -6.91
N ARG B 241 20.89 -4.92 -5.89
CA ARG B 241 20.44 -4.47 -4.57
C ARG B 241 21.30 -3.36 -4.00
N GLY B 242 20.65 -2.32 -3.46
CA GLY B 242 21.32 -1.17 -2.90
C GLY B 242 21.06 -1.02 -1.41
N THR B 243 21.64 0.06 -0.85
CA THR B 243 21.45 0.28 0.58
C THR B 243 19.98 0.56 0.90
N ALA B 244 19.23 1.06 -0.07
CA ALA B 244 17.80 1.27 0.10
C ALA B 244 17.09 -0.05 0.37
N ALA B 245 17.35 -1.06 -0.46
CA ALA B 245 16.70 -2.36 -0.27
C ALA B 245 17.18 -3.03 1.01
N GLU B 246 18.42 -2.76 1.41
CA GLU B 246 18.94 -3.42 2.60
C GLU B 246 18.41 -2.79 3.87
N ARG B 247 18.29 -1.45 3.90
CA ARG B 247 17.71 -0.81 5.08
C ARG B 247 16.23 -1.16 5.22
N ALA B 248 15.53 -1.25 4.09
CA ALA B 248 14.11 -1.60 4.10
C ALA B 248 13.90 -2.98 4.71
N ALA B 249 14.60 -3.98 4.17
CA ALA B 249 14.53 -5.33 4.71
C ALA B 249 14.85 -5.35 6.20
N LEU B 250 15.84 -4.58 6.61
CA LEU B 250 16.30 -4.69 7.97
C LEU B 250 15.38 -3.97 8.95
N PHE B 251 14.68 -2.93 8.50
CA PHE B 251 13.63 -2.35 9.35
C PHE B 251 12.63 -3.42 9.76
N TRP B 252 12.18 -4.21 8.82
CA TRP B 252 11.12 -5.16 9.13
C TRP B 252 11.65 -6.35 9.90
N ARG B 253 12.86 -6.79 9.54
CA ARG B 253 13.50 -7.87 10.26
C ARG B 253 13.68 -7.50 11.72
N TRP B 254 14.21 -6.29 11.96
CA TRP B 254 14.39 -5.85 13.34
C TRP B 254 13.06 -5.64 14.06
N THR B 255 12.03 -5.24 13.32
CA THR B 255 10.72 -4.99 13.92
C THR B 255 9.97 -6.29 14.20
N MET B 256 9.82 -7.16 13.19
CA MET B 256 8.92 -8.31 13.30
C MET B 256 9.59 -9.65 13.06
N GLY B 257 10.91 -9.68 12.89
CA GLY B 257 11.64 -10.94 12.85
C GLY B 257 11.74 -11.60 11.51
N PHE B 258 11.36 -10.92 10.43
CA PHE B 258 11.45 -11.45 9.08
C PHE B 258 11.16 -10.30 8.14
N ASN B 259 11.46 -10.50 6.86
CA ASN B 259 11.44 -9.39 5.93
C ASN B 259 11.23 -9.92 4.51
N ALA B 260 11.08 -8.99 3.59
CA ALA B 260 10.87 -9.29 2.19
C ALA B 260 12.14 -8.97 1.39
N THR B 261 12.06 -9.21 0.09
CA THR B 261 12.98 -8.63 -0.85
C THR B 261 12.25 -7.59 -1.68
N MET B 262 13.03 -6.75 -2.37
CA MET B 262 12.48 -5.77 -3.30
C MET B 262 11.58 -6.42 -4.37
N GLU B 263 11.93 -7.60 -4.86
CA GLU B 263 10.97 -8.26 -5.74
C GLU B 263 9.87 -8.94 -4.94
N GLY B 264 10.25 -9.74 -3.92
CA GLY B 264 9.27 -10.57 -3.24
C GLY B 264 8.10 -9.81 -2.64
N ILE B 265 8.35 -8.61 -2.10
CA ILE B 265 7.27 -7.79 -1.56
C ILE B 265 6.17 -7.59 -2.58
N HIS B 266 6.52 -7.52 -3.85
CA HIS B 266 5.50 -7.34 -4.87
C HIS B 266 4.72 -8.63 -5.10
N ARG B 267 5.26 -9.78 -4.71
CA ARG B 267 4.45 -10.99 -4.78
C ARG B 267 3.47 -11.07 -3.61
N TRP B 268 3.93 -10.70 -2.40
CA TRP B 268 3.02 -10.46 -1.28
C TRP B 268 1.90 -9.49 -1.68
N ALA B 269 2.27 -8.41 -2.36
CA ALA B 269 1.28 -7.41 -2.73
C ALA B 269 0.23 -7.99 -3.68
N ILE B 270 0.67 -8.56 -4.80
CA ILE B 270 -0.33 -9.00 -5.78
C ILE B 270 -1.24 -10.07 -5.16
N TRP B 271 -0.71 -10.90 -4.26
CA TRP B 271 -1.55 -11.96 -3.71
C TRP B 271 -2.49 -11.45 -2.63
N MET B 272 -2.01 -10.55 -1.76
CA MET B 272 -2.87 -9.96 -0.75
C MET B 272 -4.11 -9.37 -1.40
N ALA B 273 -3.91 -8.56 -2.45
CA ALA B 273 -5.02 -7.89 -3.13
C ALA B 273 -5.89 -8.89 -3.90
N VAL B 274 -5.30 -9.75 -4.74
CA VAL B 274 -6.19 -10.58 -5.56
C VAL B 274 -6.97 -11.59 -4.72
N LEU B 275 -6.51 -11.89 -3.50
CA LEU B 275 -7.24 -12.86 -2.69
C LEU B 275 -8.53 -12.29 -2.10
N VAL B 276 -8.61 -10.96 -2.01
CA VAL B 276 -9.86 -10.27 -1.67
C VAL B 276 -10.99 -10.80 -2.54
N THR B 277 -10.90 -10.60 -3.85
CA THR B 277 -12.00 -10.98 -4.73
C THR B 277 -12.03 -12.46 -5.02
N LEU B 278 -10.92 -13.17 -4.79
CA LEU B 278 -10.93 -14.61 -5.02
C LEU B 278 -11.78 -15.32 -3.98
N THR B 279 -11.45 -15.13 -2.70
CA THR B 279 -12.28 -15.66 -1.63
C THR B 279 -13.68 -15.04 -1.70
N GLY B 280 -13.75 -13.73 -1.95
CA GLY B 280 -15.03 -13.07 -2.10
C GLY B 280 -15.94 -13.81 -3.08
N GLY B 281 -15.48 -13.99 -4.31
CA GLY B 281 -16.32 -14.63 -5.31
C GLY B 281 -16.75 -16.03 -4.91
N ILE B 282 -15.84 -16.80 -4.30
CA ILE B 282 -16.19 -18.12 -3.80
C ILE B 282 -17.35 -18.01 -2.80
N GLY B 283 -17.24 -17.09 -1.84
CA GLY B 283 -18.23 -16.99 -0.79
C GLY B 283 -19.61 -16.58 -1.29
N ILE B 284 -19.67 -15.65 -2.24
CA ILE B 284 -20.92 -15.32 -2.90
C ILE B 284 -21.43 -16.51 -3.69
N LEU B 285 -20.55 -17.15 -4.47
CA LEU B 285 -20.97 -18.26 -5.33
C LEU B 285 -21.64 -19.36 -4.53
N LEU B 286 -21.10 -19.66 -3.34
CA LEU B 286 -21.65 -20.73 -2.51
C LEU B 286 -22.98 -20.36 -1.89
N SER B 287 -23.32 -19.07 -1.88
CA SER B 287 -24.45 -18.58 -1.11
C SER B 287 -25.75 -18.82 -1.88
N GLY B 288 -26.68 -19.54 -1.24
CA GLY B 288 -27.92 -19.91 -1.87
C GLY B 288 -27.81 -21.01 -2.90
N THR B 289 -26.61 -21.32 -3.37
CA THR B 289 -26.41 -22.47 -4.23
C THR B 289 -26.15 -23.74 -3.44
N VAL B 290 -25.49 -23.63 -2.29
CA VAL B 290 -24.99 -24.76 -1.52
C VAL B 290 -25.29 -24.51 -0.05
N VAL B 291 -25.12 -23.26 0.38
CA VAL B 291 -25.37 -22.84 1.75
C VAL B 291 -26.47 -21.77 1.70
N ASP B 292 -27.57 -22.01 2.41
CA ASP B 292 -28.66 -21.04 2.47
C ASP B 292 -28.59 -20.14 3.69
N ASN B 293 -27.82 -20.52 4.71
CA ASN B 293 -27.74 -19.75 5.96
C ASN B 293 -26.37 -19.96 6.56
N TRP B 294 -25.54 -18.91 6.57
CA TRP B 294 -24.17 -19.08 7.04
C TRP B 294 -24.10 -19.27 8.56
N TYR B 295 -25.02 -18.70 9.33
CA TYR B 295 -25.12 -19.06 10.74
C TYR B 295 -25.33 -20.56 10.91
N VAL B 296 -26.34 -21.09 10.20
CA VAL B 296 -26.68 -22.50 10.32
C VAL B 296 -25.48 -23.36 9.96
N TRP B 297 -24.93 -23.13 8.76
CA TRP B 297 -23.73 -23.83 8.33
C TRP B 297 -22.63 -23.74 9.38
N GLY B 298 -22.47 -22.57 9.99
CA GLY B 298 -21.44 -22.40 11.01
C GLY B 298 -21.66 -23.26 12.23
N GLN B 299 -22.90 -23.66 12.47
CA GLN B 299 -23.18 -24.52 13.62
C GLN B 299 -22.76 -25.96 13.36
N ASN B 300 -22.79 -26.39 12.10
CA ASN B 300 -22.44 -27.76 11.75
C ASN B 300 -21.01 -27.94 11.24
N HIS B 301 -20.28 -26.87 10.99
CA HIS B 301 -19.03 -27.01 10.26
C HIS B 301 -17.95 -26.15 10.87
N GLY B 302 -17.83 -26.18 12.19
CA GLY B 302 -16.80 -25.45 12.90
C GLY B 302 -17.23 -24.94 14.26
N ASP C 3 -20.07 -31.82 2.86
CA ASP C 3 -20.52 -30.50 2.45
C ASP C 3 -19.50 -29.72 1.59
N LEU C 4 -19.97 -29.16 0.45
CA LEU C 4 -19.06 -28.54 -0.50
C LEU C 4 -18.38 -27.30 0.09
N ALA C 5 -19.10 -26.48 0.84
CA ALA C 5 -18.46 -25.30 1.42
C ALA C 5 -17.36 -25.69 2.41
N SER C 6 -17.59 -26.74 3.20
CA SER C 6 -16.54 -27.20 4.11
C SER C 6 -15.32 -27.69 3.33
N LEU C 7 -15.55 -28.37 2.21
CA LEU C 7 -14.42 -28.83 1.40
C LEU C 7 -13.69 -27.64 0.80
N ALA C 8 -14.42 -26.63 0.32
CA ALA C 8 -13.77 -25.47 -0.28
C ALA C 8 -12.90 -24.75 0.73
N ILE C 9 -13.37 -24.58 1.97
CA ILE C 9 -12.64 -23.76 2.92
C ILE C 9 -11.42 -24.50 3.46
N TYR C 10 -11.55 -25.81 3.65
CA TYR C 10 -10.40 -26.64 4.02
C TYR C 10 -9.34 -26.60 2.92
N SER C 11 -9.76 -26.80 1.67
CA SER C 11 -8.85 -26.67 0.54
C SER C 11 -8.15 -25.31 0.53
N PHE C 12 -8.90 -24.24 0.75
CA PHE C 12 -8.30 -22.91 0.69
C PHE C 12 -7.22 -22.75 1.77
N TRP C 13 -7.45 -23.28 2.98
CA TRP C 13 -6.44 -23.11 4.02
C TRP C 13 -5.18 -23.86 3.67
N ILE C 14 -5.32 -25.01 2.98
CA ILE C 14 -4.14 -25.72 2.52
C ILE C 14 -3.42 -24.92 1.45
N PHE C 15 -4.17 -24.46 0.44
CA PHE C 15 -3.56 -23.62 -0.58
C PHE C 15 -2.92 -22.38 0.02
N LEU C 16 -3.53 -21.81 1.05
CA LEU C 16 -2.95 -20.60 1.62
C LEU C 16 -1.63 -20.89 2.33
N ALA C 17 -1.49 -22.08 2.92
CA ALA C 17 -0.22 -22.44 3.57
C ALA C 17 0.87 -22.67 2.53
N GLY C 18 0.55 -23.38 1.45
CA GLY C 18 1.51 -23.53 0.37
C GLY C 18 1.94 -22.20 -0.20
N LEU C 19 0.98 -21.28 -0.37
CA LEU C 19 1.28 -19.95 -0.89
C LEU C 19 2.21 -19.19 0.05
N ILE C 20 1.91 -19.18 1.35
CA ILE C 20 2.76 -18.44 2.27
C ILE C 20 4.17 -19.03 2.26
N TYR C 21 4.26 -20.36 2.22
CA TYR C 21 5.55 -21.01 2.11
C TYR C 21 6.27 -20.57 0.84
N TYR C 22 5.56 -20.64 -0.30
CA TYR C 22 6.12 -20.14 -1.56
C TYR C 22 6.60 -18.70 -1.42
N LEU C 23 5.77 -17.81 -0.88
CA LEU C 23 6.13 -16.41 -0.80
C LEU C 23 7.34 -16.19 0.10
N GLN C 24 7.39 -16.90 1.22
CA GLN C 24 8.52 -16.76 2.12
C GLN C 24 9.83 -17.19 1.45
N THR C 25 9.83 -18.34 0.76
CA THR C 25 11.04 -18.77 0.06
C THR C 25 11.43 -17.77 -1.02
N GLU C 26 10.45 -17.28 -1.79
CA GLU C 26 10.72 -16.25 -2.79
C GLU C 26 11.43 -15.04 -2.19
N ASN C 27 11.19 -14.76 -0.91
CA ASN C 27 11.80 -13.60 -0.29
C ASN C 27 13.09 -13.95 0.43
N MET C 28 13.71 -15.07 0.07
CA MET C 28 15.01 -15.45 0.61
C MET C 28 16.10 -15.41 -0.47
N ARG C 29 15.82 -14.78 -1.61
CA ARG C 29 16.79 -14.63 -2.70
C ARG C 29 17.74 -13.47 -2.49
N GLU C 30 17.78 -12.87 -1.31
CA GLU C 30 18.84 -11.94 -0.95
C GLU C 30 19.11 -12.13 0.53
N GLY C 31 20.37 -12.03 0.91
CA GLY C 31 20.75 -12.03 2.31
C GLY C 31 20.79 -13.38 2.96
N TYR C 32 20.41 -14.44 2.23
CA TYR C 32 20.44 -15.83 2.70
C TYR C 32 21.49 -16.61 1.95
N PRO C 33 22.14 -17.61 2.58
CA PRO C 33 21.97 -18.11 3.97
C PRO C 33 22.27 -17.07 5.03
N LEU C 34 21.64 -17.23 6.20
CA LEU C 34 21.96 -16.42 7.35
C LEU C 34 23.39 -16.70 7.81
N GLU C 35 23.95 -15.74 8.53
CA GLU C 35 25.35 -15.76 8.91
C GLU C 35 25.49 -15.42 10.39
N ASN C 36 26.57 -15.88 10.99
CA ASN C 36 26.94 -15.33 12.29
C ASN C 36 27.62 -13.99 12.09
N GLU C 37 27.76 -13.23 13.18
CA GLU C 37 28.34 -11.89 13.11
C GLU C 37 29.73 -11.87 12.47
N ASP C 38 30.41 -13.01 12.44
CA ASP C 38 31.75 -13.12 11.89
C ASP C 38 31.78 -13.54 10.43
N GLY C 39 30.63 -13.80 9.81
CA GLY C 39 30.52 -13.99 8.39
C GLY C 39 30.28 -15.41 7.94
N THR C 40 30.36 -16.36 8.85
CA THR C 40 30.23 -17.79 8.54
C THR C 40 28.76 -18.17 8.54
N PRO C 41 28.40 -19.31 7.93
CA PRO C 41 26.97 -19.71 7.92
C PRO C 41 26.47 -19.99 9.33
N ALA C 42 25.34 -19.37 9.68
CA ALA C 42 24.71 -19.65 10.97
C ALA C 42 24.16 -21.06 10.99
N ALA C 43 24.17 -21.68 12.17
CA ALA C 43 23.64 -23.04 12.27
C ALA C 43 22.15 -23.08 11.94
N ASN C 44 21.36 -22.19 12.55
CA ASN C 44 19.91 -22.20 12.42
C ASN C 44 19.51 -21.28 11.27
N GLN C 45 19.02 -21.87 10.18
CA GLN C 45 18.60 -21.11 9.00
C GLN C 45 17.09 -20.86 8.95
N GLY C 46 16.34 -21.33 9.94
CA GLY C 46 14.89 -21.26 9.89
C GLY C 46 14.30 -22.45 9.19
N PRO C 47 12.96 -22.54 9.17
CA PRO C 47 12.29 -23.72 8.60
C PRO C 47 12.06 -23.64 7.09
N PHE C 48 12.44 -22.56 6.45
CA PHE C 48 12.19 -22.44 5.03
C PHE C 48 13.48 -22.70 4.25
N PRO C 49 13.42 -23.48 3.17
CA PRO C 49 14.61 -23.73 2.36
C PRO C 49 14.83 -22.61 1.35
N LEU C 50 16.07 -22.52 0.87
CA LEU C 50 16.36 -21.61 -0.23
C LEU C 50 15.58 -22.04 -1.47
N PRO C 51 15.09 -21.09 -2.26
CA PRO C 51 14.42 -21.45 -3.51
C PRO C 51 15.44 -21.87 -4.56
N LYS C 52 14.97 -22.59 -5.56
CA LYS C 52 15.78 -22.82 -6.75
C LYS C 52 16.16 -21.46 -7.35
N PRO C 53 17.38 -21.30 -7.84
CA PRO C 53 17.79 -19.99 -8.34
C PRO C 53 16.95 -19.57 -9.53
N LYS C 54 16.80 -18.26 -9.69
CA LYS C 54 16.26 -17.72 -10.92
C LYS C 54 17.30 -16.77 -11.49
N THR C 55 17.15 -16.46 -12.79
CA THR C 55 18.11 -15.61 -13.48
C THR C 55 17.40 -14.53 -14.27
N PHE C 56 17.72 -13.29 -13.95
CA PHE C 56 17.21 -12.13 -14.66
C PHE C 56 18.13 -11.80 -15.82
N ILE C 57 17.56 -11.56 -16.99
CA ILE C 57 18.33 -11.09 -18.14
C ILE C 57 18.31 -9.57 -18.09
N LEU C 58 19.42 -8.96 -17.72
CA LEU C 58 19.51 -7.52 -17.72
C LEU C 58 19.55 -6.99 -19.15
N PRO C 59 18.96 -5.83 -19.41
CA PRO C 59 19.02 -5.27 -20.76
C PRO C 59 20.39 -4.65 -21.04
N HIS C 60 20.58 -4.27 -22.32
CA HIS C 60 21.77 -3.50 -22.75
C HIS C 60 23.07 -4.21 -22.47
N GLY C 61 23.10 -5.53 -22.69
CA GLY C 61 24.32 -6.29 -22.47
C GLY C 61 24.88 -6.21 -21.07
N ARG C 62 24.07 -5.80 -20.08
CA ARG C 62 24.59 -5.66 -18.73
C ARG C 62 24.72 -7.00 -18.00
N GLY C 63 24.31 -8.09 -18.64
CA GLY C 63 24.55 -9.40 -18.07
C GLY C 63 23.31 -10.04 -17.49
N THR C 64 23.50 -10.78 -16.41
CA THR C 64 22.42 -11.43 -15.72
C THR C 64 22.63 -11.34 -14.22
N LEU C 65 21.58 -11.66 -13.48
CA LEU C 65 21.64 -11.80 -12.05
C LEU C 65 20.95 -13.10 -11.69
N THR C 66 21.62 -13.91 -10.87
CA THR C 66 21.10 -15.20 -10.46
C THR C 66 20.98 -15.20 -8.94
N VAL C 67 19.78 -15.46 -8.44
CA VAL C 67 19.50 -15.35 -7.01
C VAL C 67 18.65 -16.56 -6.63
N PRO C 68 18.90 -17.19 -5.49
CA PRO C 68 20.01 -16.91 -4.56
C PRO C 68 21.36 -17.25 -5.22
N GLY C 69 22.42 -16.55 -4.82
CA GLY C 69 23.75 -16.88 -5.25
C GLY C 69 24.76 -16.54 -4.17
N PRO C 70 26.03 -16.88 -4.41
CA PRO C 70 27.09 -16.50 -3.47
C PRO C 70 27.04 -15.02 -3.13
N GLU C 71 27.24 -14.72 -1.85
CA GLU C 71 26.93 -13.41 -1.28
C GLU C 71 28.16 -12.85 -0.60
N SER C 72 28.69 -11.73 -1.11
CA SER C 72 29.77 -11.04 -0.44
C SER C 72 29.53 -9.53 -0.41
N GLU C 73 29.84 -8.92 0.74
CA GLU C 73 29.80 -7.46 0.86
C GLU C 73 30.73 -6.78 -0.13
N ASP C 74 31.75 -7.48 -0.63
CA ASP C 74 32.68 -6.93 -1.61
C ASP C 74 33.23 -5.59 -1.17
N ARG C 75 33.43 -5.43 0.16
CA ARG C 75 34.04 -4.24 0.75
C ARG C 75 34.43 -4.50 2.19
N PRO C 76 35.45 -3.83 2.70
CA PRO C 76 35.77 -3.94 4.12
C PRO C 76 34.79 -3.14 4.96
N ILE C 77 34.60 -3.58 6.21
CA ILE C 77 33.58 -3.00 7.09
C ILE C 77 34.24 -2.62 8.41
N ALA C 78 34.50 -1.33 8.59
CA ALA C 78 35.23 -0.84 9.75
C ALA C 78 34.42 -0.91 11.03
N LEU C 79 33.99 -2.10 11.45
CA LEU C 79 33.33 -2.27 12.75
C LEU C 79 34.02 -3.35 13.57
N ALA C 80 33.81 -3.27 14.89
CA ALA C 80 34.31 -4.29 15.81
C ALA C 80 33.27 -4.55 16.90
N ARG C 81 33.24 -5.81 17.35
CA ARG C 81 32.36 -6.23 18.43
C ARG C 81 32.56 -5.39 19.68
N THR C 82 31.46 -5.19 20.42
CA THR C 82 31.49 -4.50 21.70
C THR C 82 31.13 -5.42 22.87
N ALA C 83 30.97 -6.72 22.60
CA ALA C 83 30.54 -7.68 23.59
C ALA C 83 31.16 -9.02 23.26
N VAL C 84 31.08 -9.96 24.22
CA VAL C 84 31.72 -11.26 24.06
C VAL C 84 30.75 -12.31 23.53
N SER C 85 29.49 -11.97 23.33
CA SER C 85 28.50 -12.90 22.80
C SER C 85 27.68 -12.22 21.70
N GLU C 86 26.85 -13.04 21.03
CA GLU C 86 26.04 -12.59 19.90
C GLU C 86 24.98 -11.57 20.33
N GLY C 87 24.68 -10.62 19.45
CA GLY C 87 23.50 -9.81 19.56
C GLY C 87 23.68 -8.38 20.04
N PHE C 88 24.90 -7.91 20.19
CA PHE C 88 25.12 -6.55 20.60
C PHE C 88 25.59 -5.67 19.45
N PRO C 89 25.64 -4.35 19.64
CA PRO C 89 26.08 -3.48 18.55
C PRO C 89 27.56 -3.69 18.25
N HIS C 90 27.96 -3.14 17.12
CA HIS C 90 29.34 -3.21 16.64
C HIS C 90 29.83 -1.80 16.43
N ALA C 91 30.86 -1.41 17.18
CA ALA C 91 31.33 -0.01 17.20
C ALA C 91 32.15 0.31 15.96
N PRO C 92 31.97 1.49 15.38
CA PRO C 92 32.86 1.89 14.27
C PRO C 92 34.31 1.99 14.73
N THR C 93 35.21 1.35 13.99
CA THR C 93 36.62 1.40 14.35
C THR C 93 37.29 2.69 13.91
N GLY C 94 36.65 3.47 13.05
CA GLY C 94 37.18 4.72 12.55
C GLY C 94 36.11 5.79 12.54
N ASP C 95 36.13 6.60 11.49
CA ASP C 95 35.06 7.56 11.25
C ASP C 95 33.92 6.85 10.51
N PRO C 96 32.73 6.75 11.11
CA PRO C 96 31.68 5.93 10.49
C PRO C 96 31.13 6.50 9.19
N MET C 97 31.15 7.82 9.04
CA MET C 97 30.71 8.41 7.79
C MET C 97 31.76 8.32 6.70
N LYS C 98 33.04 8.42 7.07
CA LYS C 98 34.11 8.17 6.11
C LYS C 98 34.15 6.71 5.70
N ASP C 99 33.86 5.81 6.63
CA ASP C 99 34.00 4.38 6.38
C ASP C 99 32.75 3.75 5.79
N GLY C 100 31.62 4.47 5.80
CA GLY C 100 30.41 3.95 5.19
C GLY C 100 29.82 2.80 5.96
N VAL C 101 29.59 3.01 7.26
CA VAL C 101 28.96 2.01 8.12
C VAL C 101 27.82 2.68 8.86
N GLY C 102 26.95 1.87 9.45
CA GLY C 102 25.82 2.38 10.19
C GLY C 102 24.82 3.01 9.25
N PRO C 103 24.14 4.05 9.73
CA PRO C 103 23.28 4.83 8.82
C PRO C 103 24.08 5.49 7.68
N ALA C 104 25.41 5.46 7.71
CA ALA C 104 26.22 5.97 6.61
C ALA C 104 26.60 4.89 5.61
N SER C 105 26.01 3.70 5.73
CA SER C 105 26.41 2.54 4.94
C SER C 105 26.12 2.73 3.46
N TRP C 106 26.93 2.09 2.62
CA TRP C 106 26.65 2.00 1.18
C TRP C 106 26.85 0.57 0.72
N VAL C 107 26.19 0.21 -0.37
CA VAL C 107 26.35 -1.12 -0.97
C VAL C 107 27.24 -0.99 -2.19
N ALA C 108 28.09 -1.99 -2.40
CA ALA C 108 28.93 -2.12 -3.59
C ALA C 108 28.07 -2.46 -4.80
N ARG C 109 27.19 -1.55 -5.16
CA ARG C 109 26.44 -1.70 -6.40
C ARG C 109 27.38 -1.52 -7.58
N ARG C 110 26.93 -1.98 -8.74
CA ARG C 110 27.72 -1.86 -9.95
C ARG C 110 28.14 -0.41 -10.19
N ASP C 111 29.43 -0.22 -10.53
CA ASP C 111 30.00 1.10 -10.81
C ASP C 111 29.73 1.56 -12.24
N LEU C 112 28.50 1.37 -12.70
CA LEU C 112 27.93 1.94 -13.92
C LEU C 112 26.69 2.75 -13.57
N PRO C 113 26.22 3.62 -14.45
CA PRO C 113 24.97 4.34 -14.18
C PRO C 113 23.77 3.54 -14.64
N GLU C 114 22.62 3.89 -14.08
CA GLU C 114 21.40 3.22 -14.49
C GLU C 114 20.94 3.76 -15.85
N LEU C 115 20.55 2.86 -16.73
CA LEU C 115 20.15 3.23 -18.09
C LEU C 115 18.63 3.21 -18.21
N ASP C 116 18.10 4.06 -19.09
CA ASP C 116 16.68 4.03 -19.39
C ASP C 116 16.40 2.91 -20.39
N GLY C 117 15.18 2.86 -20.89
CA GLY C 117 14.78 1.81 -21.82
C GLY C 117 15.43 1.91 -23.17
N HIS C 118 16.00 3.06 -23.51
CA HIS C 118 16.69 3.26 -24.77
C HIS C 118 18.20 3.14 -24.63
N GLY C 119 18.70 2.78 -23.45
CA GLY C 119 20.10 2.58 -23.26
C GLY C 119 20.88 3.81 -22.85
N HIS C 120 20.21 4.96 -22.71
CA HIS C 120 20.90 6.17 -22.28
C HIS C 120 20.85 6.29 -20.77
N ASN C 121 21.71 7.14 -20.24
CA ASN C 121 21.77 7.30 -18.79
C ASN C 121 20.46 7.82 -18.24
N LYS C 122 19.98 7.16 -17.18
CA LYS C 122 18.71 7.53 -16.56
C LYS C 122 18.76 8.94 -16.02
N ILE C 123 19.88 9.34 -15.44
CA ILE C 123 20.01 10.57 -14.68
C ILE C 123 21.11 11.43 -15.28
N LYS C 124 20.78 12.67 -15.61
CA LYS C 124 21.70 13.64 -16.18
C LYS C 124 21.53 14.97 -15.46
N PRO C 125 22.60 15.75 -15.34
CA PRO C 125 22.42 17.14 -14.92
C PRO C 125 21.53 17.86 -15.93
N MET C 126 20.70 18.79 -15.45
CA MET C 126 19.68 19.33 -16.33
C MET C 126 20.32 20.06 -17.52
N LYS C 127 21.43 20.77 -17.28
CA LYS C 127 22.14 21.47 -18.36
C LYS C 127 22.43 20.57 -19.55
N ALA C 128 22.62 19.27 -19.34
CA ALA C 128 22.89 18.32 -20.42
C ALA C 128 21.66 17.51 -20.83
N ALA C 129 20.46 17.95 -20.46
CA ALA C 129 19.22 17.23 -20.77
C ALA C 129 18.35 18.07 -21.69
N ALA C 130 18.25 17.65 -22.96
CA ALA C 130 17.59 18.46 -23.98
C ALA C 130 16.15 18.75 -23.61
N GLY C 131 15.83 20.02 -23.43
CA GLY C 131 14.45 20.43 -23.24
C GLY C 131 13.95 20.38 -21.81
N PHE C 132 14.77 19.90 -20.88
CA PHE C 132 14.35 19.79 -19.50
C PHE C 132 14.53 21.11 -18.75
N HIS C 133 13.49 21.52 -18.03
CA HIS C 133 13.51 22.77 -17.27
C HIS C 133 12.65 22.59 -16.03
N VAL C 134 12.90 23.44 -15.04
CA VAL C 134 11.97 23.56 -13.92
C VAL C 134 10.61 24.05 -14.42
N SER C 135 9.55 23.36 -14.01
CA SER C 135 8.22 23.64 -14.51
C SER C 135 7.20 24.02 -13.43
N ALA C 136 7.52 23.84 -12.16
CA ALA C 136 6.67 24.28 -11.06
C ALA C 136 7.51 24.29 -9.79
N GLY C 137 7.01 25.01 -8.79
CA GLY C 137 7.73 25.14 -7.52
C GLY C 137 8.94 26.03 -7.63
N LYS C 138 9.59 26.33 -6.50
CA LYS C 138 10.75 27.20 -6.51
C LYS C 138 11.92 26.50 -7.19
N ASN C 139 12.54 27.18 -8.15
CA ASN C 139 13.73 26.64 -8.81
C ASN C 139 14.92 26.83 -7.87
N PRO C 140 15.61 25.76 -7.47
CA PRO C 140 16.67 25.92 -6.46
C PRO C 140 17.98 26.43 -7.03
N ILE C 141 18.16 26.37 -8.36
CA ILE C 141 19.47 26.66 -8.93
C ILE C 141 19.84 28.10 -8.62
N GLY C 142 20.96 28.30 -7.94
CA GLY C 142 21.42 29.60 -7.53
C GLY C 142 21.26 29.86 -6.05
N LEU C 143 20.39 29.10 -5.39
CA LEU C 143 20.15 29.33 -3.97
C LEU C 143 21.39 28.93 -3.16
N PRO C 144 21.66 29.65 -2.07
CA PRO C 144 22.67 29.16 -1.12
C PRO C 144 22.17 27.90 -0.44
N VAL C 145 23.11 27.02 -0.09
CA VAL C 145 22.78 25.79 0.60
C VAL C 145 23.29 25.91 2.04
N ARG C 146 22.39 25.67 2.99
CA ARG C 146 22.66 25.84 4.41
C ARG C 146 22.67 24.48 5.10
N GLY C 147 23.68 24.26 5.94
CA GLY C 147 23.74 23.06 6.74
C GLY C 147 23.01 23.20 8.07
N CYS C 148 22.98 22.08 8.81
CA CYS C 148 22.25 22.03 10.06
C CYS C 148 22.91 22.84 11.15
N ASP C 149 24.16 23.25 10.96
CA ASP C 149 24.78 24.23 11.85
C ASP C 149 24.43 25.67 11.46
N LEU C 150 23.53 25.84 10.48
CA LEU C 150 23.03 27.14 10.04
C LEU C 150 24.12 28.00 9.41
N GLU C 151 25.12 27.36 8.80
CA GLU C 151 26.15 28.01 8.00
C GLU C 151 26.00 27.60 6.54
N ILE C 152 26.38 28.51 5.64
CA ILE C 152 26.25 28.22 4.21
C ILE C 152 27.41 27.33 3.78
N ALA C 153 27.08 26.22 3.15
CA ALA C 153 28.07 25.26 2.71
C ALA C 153 28.33 25.32 1.21
N GLY C 154 27.55 26.08 0.47
CA GLY C 154 27.66 26.06 -0.97
C GLY C 154 26.46 26.71 -1.63
N LYS C 155 26.39 26.51 -2.95
CA LYS C 155 25.31 27.08 -3.76
C LYS C 155 24.88 26.06 -4.80
N VAL C 156 23.57 25.98 -5.03
CA VAL C 156 23.05 25.07 -6.04
C VAL C 156 23.47 25.55 -7.42
N VAL C 157 24.07 24.67 -8.21
CA VAL C 157 24.50 25.04 -9.55
C VAL C 157 23.81 24.23 -10.64
N ASP C 158 23.11 23.15 -10.31
CA ASP C 158 22.24 22.48 -11.28
C ASP C 158 21.34 21.52 -10.52
N ILE C 159 20.46 20.87 -11.27
CA ILE C 159 19.59 19.81 -10.80
C ILE C 159 19.91 18.58 -11.64
N TRP C 160 19.99 17.42 -11.00
CA TRP C 160 20.21 16.19 -11.74
C TRP C 160 18.87 15.49 -11.84
N VAL C 161 18.44 15.20 -13.06
CA VAL C 161 17.06 14.84 -13.31
C VAL C 161 17.01 13.44 -13.89
N ASP C 162 15.97 12.72 -13.51
CA ASP C 162 15.63 11.43 -14.09
C ASP C 162 14.93 11.71 -15.40
N ILE C 163 15.52 11.34 -16.53
CA ILE C 163 14.91 11.74 -17.80
C ILE C 163 13.66 10.94 -18.10
N PRO C 164 13.67 9.60 -18.08
CA PRO C 164 12.42 8.87 -18.36
C PRO C 164 11.30 9.14 -17.37
N GLU C 165 11.60 9.48 -16.12
CA GLU C 165 10.53 9.73 -15.17
C GLU C 165 10.28 11.23 -14.94
N GLN C 166 11.17 12.08 -15.43
CA GLN C 166 10.97 13.53 -15.40
C GLN C 166 10.77 14.00 -13.97
N MET C 167 11.76 13.70 -13.13
CA MET C 167 11.76 14.17 -11.76
C MET C 167 13.18 14.56 -11.35
N ALA C 168 13.26 15.50 -10.41
CA ALA C 168 14.53 15.86 -9.82
C ALA C 168 15.00 14.78 -8.86
N ARG C 169 16.27 14.38 -8.98
CA ARG C 169 16.83 13.38 -8.08
C ARG C 169 17.98 13.87 -7.22
N PHE C 170 18.84 14.75 -7.74
CA PHE C 170 19.85 15.37 -6.89
C PHE C 170 19.91 16.87 -7.17
N LEU C 171 20.37 17.61 -6.18
CA LEU C 171 20.92 18.94 -6.39
C LEU C 171 22.44 18.84 -6.48
N GLU C 172 23.01 19.45 -7.51
CA GLU C 172 24.46 19.59 -7.59
C GLU C 172 24.84 20.88 -6.90
N VAL C 173 25.67 20.78 -5.87
CA VAL C 173 26.02 21.90 -5.01
C VAL C 173 27.50 22.20 -5.20
N GLU C 174 27.84 23.47 -5.36
CA GLU C 174 29.25 23.86 -5.46
C GLU C 174 29.76 24.37 -4.13
N LEU C 175 30.94 23.91 -3.73
CA LEU C 175 31.50 24.24 -2.44
C LEU C 175 32.49 25.40 -2.55
N LYS C 176 33.02 25.83 -1.41
CA LYS C 176 33.93 26.96 -1.35
C LYS C 176 35.11 26.79 -2.30
N ASP C 177 35.59 25.56 -2.49
CA ASP C 177 36.79 25.31 -3.28
C ASP C 177 36.49 25.18 -4.77
N GLY C 178 35.24 25.35 -5.20
CA GLY C 178 34.86 25.27 -6.59
C GLY C 178 34.45 23.91 -7.08
N SER C 179 34.70 22.84 -6.32
CA SER C 179 34.19 21.52 -6.69
C SER C 179 32.71 21.40 -6.35
N THR C 180 32.05 20.40 -6.95
CA THR C 180 30.65 20.17 -6.63
C THR C 180 30.45 18.85 -5.90
N ARG C 181 29.28 18.73 -5.28
CA ARG C 181 28.76 17.47 -4.77
C ARG C 181 27.32 17.31 -5.22
N LEU C 182 26.86 16.08 -5.22
CA LEU C 182 25.45 15.79 -5.35
C LEU C 182 24.82 15.60 -3.97
N LEU C 183 23.71 16.28 -3.72
CA LEU C 183 22.83 16.04 -2.58
C LEU C 183 21.57 15.32 -3.06
N PRO C 184 21.13 14.27 -2.37
CA PRO C 184 19.83 13.67 -2.71
C PRO C 184 18.68 14.69 -2.60
N MET C 185 17.83 14.71 -3.63
CA MET C 185 16.68 15.60 -3.61
C MET C 185 15.80 15.34 -2.40
N GLN C 186 15.59 14.08 -2.05
CA GLN C 186 14.74 13.73 -0.91
C GLN C 186 15.31 14.18 0.44
N MET C 187 16.49 14.80 0.50
CA MET C 187 17.13 15.14 1.77
C MET C 187 17.41 16.62 1.89
N VAL C 188 16.82 17.43 1.02
CA VAL C 188 16.95 18.88 1.11
C VAL C 188 15.56 19.48 1.21
N LYS C 189 15.49 20.67 1.77
CA LYS C 189 14.27 21.46 1.84
C LYS C 189 14.49 22.73 1.03
N VAL C 190 13.78 22.85 -0.09
CA VAL C 190 13.89 24.04 -0.93
C VAL C 190 13.02 25.13 -0.30
N GLN C 191 13.67 26.17 0.20
CA GLN C 191 12.99 27.32 0.75
C GLN C 191 13.08 28.48 -0.25
N SER C 192 12.49 29.62 0.11
CA SER C 192 12.46 30.73 -0.84
C SER C 192 13.83 31.40 -0.98
N ASN C 193 14.61 31.49 0.09
CA ASN C 193 15.89 32.16 0.06
C ASN C 193 17.07 31.22 0.21
N ARG C 194 16.83 29.91 0.29
CA ARG C 194 17.91 28.97 0.55
C ARG C 194 17.40 27.56 0.32
N VAL C 195 18.34 26.62 0.29
CA VAL C 195 18.09 25.20 0.42
C VAL C 195 18.67 24.77 1.76
N HIS C 196 17.87 24.09 2.59
CA HIS C 196 18.33 23.65 3.89
C HIS C 196 18.55 22.14 3.89
N VAL C 197 19.71 21.73 4.41
CA VAL C 197 20.06 20.32 4.57
C VAL C 197 20.22 20.06 6.06
N ASN C 198 19.27 19.34 6.64
CA ASN C 198 19.36 19.10 8.07
C ASN C 198 20.28 17.94 8.42
N ALA C 199 20.58 17.06 7.45
CA ALA C 199 21.40 15.89 7.75
C ALA C 199 22.87 16.24 7.94
N LEU C 200 23.39 17.28 7.29
CA LEU C 200 24.82 17.58 7.33
C LEU C 200 25.06 18.97 7.88
N SER C 201 26.12 19.09 8.66
CA SER C 201 26.62 20.41 8.97
C SER C 201 27.52 20.90 7.85
N SER C 202 27.77 22.20 7.84
CA SER C 202 28.52 22.81 6.74
C SER C 202 29.87 22.14 6.52
N ASP C 203 30.52 21.75 7.62
CA ASP C 203 31.85 21.17 7.57
C ASP C 203 31.88 19.74 7.04
N LEU C 204 30.73 19.08 6.92
CA LEU C 204 30.74 17.71 6.40
C LEU C 204 30.47 17.65 4.91
N PHE C 205 30.19 18.79 4.28
CA PHE C 205 29.85 18.78 2.86
C PHE C 205 31.04 18.34 2.02
N ALA C 206 32.26 18.76 2.41
CA ALA C 206 33.42 18.41 1.61
C ALA C 206 33.67 16.91 1.58
N GLY C 207 33.25 16.20 2.65
CA GLY C 207 33.39 14.75 2.75
C GLY C 207 32.35 13.95 1.99
N ILE C 208 31.34 14.59 1.40
CA ILE C 208 30.43 13.83 0.54
C ILE C 208 31.22 13.15 -0.58
N PRO C 209 31.08 11.84 -0.77
CA PRO C 209 31.73 11.17 -1.89
C PRO C 209 31.51 11.92 -3.20
N THR C 210 32.57 12.05 -3.97
CA THR C 210 32.53 12.69 -5.27
C THR C 210 32.33 11.64 -6.35
N ILE C 211 31.89 12.10 -7.50
CA ILE C 211 31.67 11.23 -8.64
C ILE C 211 32.83 11.40 -9.60
N LYS C 212 32.99 10.45 -10.51
CA LYS C 212 34.21 10.44 -11.31
C LYS C 212 34.05 11.20 -12.62
N SER C 213 32.84 11.21 -13.22
CA SER C 213 32.49 11.99 -14.41
C SER C 213 31.47 13.06 -14.08
N PRO C 214 31.69 14.30 -14.52
CA PRO C 214 30.74 15.38 -14.23
C PRO C 214 29.38 15.28 -14.93
N THR C 215 29.12 14.30 -15.79
CA THR C 215 27.82 14.25 -16.45
C THR C 215 27.08 12.94 -16.24
N GLU C 216 27.59 12.06 -15.39
CA GLU C 216 26.84 10.87 -15.02
C GLU C 216 27.21 10.51 -13.59
N VAL C 217 26.39 9.64 -13.01
CA VAL C 217 26.61 9.13 -11.67
C VAL C 217 26.31 7.63 -11.72
N THR C 218 27.17 6.84 -11.07
CA THR C 218 26.98 5.40 -11.11
C THR C 218 26.18 4.95 -9.89
N LEU C 219 25.49 3.81 -10.05
CA LEU C 219 24.80 3.20 -8.92
C LEU C 219 25.70 3.14 -7.70
N LEU C 220 26.97 2.78 -7.88
CA LEU C 220 27.88 2.75 -6.74
C LEU C 220 28.07 4.15 -6.16
N GLU C 221 28.15 5.17 -7.02
CA GLU C 221 28.36 6.52 -6.52
C GLU C 221 27.11 7.06 -5.84
N GLU C 222 25.94 6.72 -6.38
CA GLU C 222 24.70 7.14 -5.73
C GLU C 222 24.61 6.59 -4.33
N ASP C 223 25.01 5.32 -4.15
CA ASP C 223 24.86 4.69 -2.85
C ASP C 223 25.80 5.28 -1.83
N LYS C 224 27.01 5.66 -2.26
CA LYS C 224 27.92 6.34 -1.35
C LYS C 224 27.41 7.73 -0.97
N ILE C 225 26.89 8.49 -1.95
CA ILE C 225 26.35 9.81 -1.68
C ILE C 225 25.14 9.72 -0.75
N CYS C 226 24.16 8.90 -1.14
CA CYS C 226 22.94 8.78 -0.34
C CYS C 226 23.27 8.28 1.07
N GLY C 227 24.05 7.18 1.14
CA GLY C 227 24.47 6.67 2.45
C GLY C 227 25.12 7.73 3.31
N TYR C 228 26.12 8.42 2.75
CA TYR C 228 26.83 9.46 3.49
C TYR C 228 25.88 10.51 4.05
N VAL C 229 25.03 11.07 3.19
CA VAL C 229 24.14 12.15 3.65
C VAL C 229 23.19 11.63 4.73
N ALA C 230 22.59 10.46 4.52
CA ALA C 230 21.67 9.93 5.53
C ALA C 230 22.38 9.66 6.86
N GLY C 231 23.64 9.23 6.82
CA GLY C 231 24.39 8.98 8.04
C GLY C 231 24.64 10.23 8.88
N GLY C 232 24.61 11.40 8.25
CA GLY C 232 24.79 12.62 9.02
C GLY C 232 23.75 12.83 10.09
N LEU C 233 22.55 12.26 9.91
CA LEU C 233 21.49 12.45 10.90
C LEU C 233 21.94 11.95 12.27
N MET C 234 22.52 10.74 12.32
CA MET C 234 23.06 10.23 13.56
C MET C 234 24.44 10.82 13.88
N TYR C 235 25.29 10.99 12.88
CA TYR C 235 26.70 11.24 13.15
C TYR C 235 27.12 12.70 13.10
N ALA C 236 26.33 13.59 12.49
CA ALA C 236 26.67 15.00 12.57
C ALA C 236 26.19 15.60 13.88
N ALA C 237 24.99 15.19 14.31
CA ALA C 237 24.25 15.63 15.49
C ALA C 237 25.12 15.91 16.71
N PRO C 238 26.09 15.02 17.08
CA PRO C 238 26.98 15.34 18.21
C PRO C 238 27.69 16.68 18.08
N LYS C 239 28.66 16.76 17.16
CA LYS C 239 29.58 17.89 17.13
C LYS C 239 28.86 19.20 16.79
N ARG C 240 27.94 19.18 15.82
CA ARG C 240 27.34 20.42 15.35
C ARG C 240 25.86 20.54 15.72
N LYS C 241 24.96 19.86 14.99
CA LYS C 241 23.55 19.74 15.37
C LYS C 241 22.78 18.87 14.38
C1 EDO D . 16.25 10.00 11.00
O1 EDO D . 16.52 8.73 10.37
C2 EDO D . 15.07 10.70 10.32
O2 EDO D . 15.12 10.44 8.90
C1 EDO E . 31.70 -9.36 8.94
O1 EDO E . 32.15 -8.05 9.33
C2 EDO E . 31.07 -9.33 7.54
O2 EDO E . 29.63 -9.44 7.60
C1 DIO F . -6.96 12.09 4.89
C2 DIO F . -5.00 10.74 4.74
C1' DIO F . -6.45 12.79 6.14
C2' DIO F . -4.48 11.29 6.06
O1 DIO F . -5.81 11.72 4.09
O1' DIO F . -5.05 12.56 6.39
C1 HTO G . -27.16 17.09 9.72
O1 HTO G . -27.06 16.75 11.11
C2 HTO G . -25.85 17.71 9.24
O2 HTO G . -24.84 16.71 9.02
C3 HTO G . -26.07 18.53 7.97
O3 HTO G . -27.06 19.54 8.20
C4 HTO G . -26.52 17.70 6.78
C5 HTO G . -25.63 18.01 5.58
C6 HTO G . -25.89 19.39 5.03
C7 HTO G . -24.94 19.65 3.88
MG BCL H . -18.60 -1.14 7.75
CHA BCL H . -16.27 -0.13 10.13
CHB BCL H . -16.08 -1.13 5.45
CHC BCL H . -20.52 -3.07 5.71
CHD BCL H . -20.96 -1.56 10.28
NA BCL H . -16.47 -0.75 7.83
C1A BCL H . -15.73 -0.22 8.88
C2A BCL H . -14.32 0.00 8.46
C3A BCL H . -14.51 0.21 6.96
C4A BCL H . -15.69 -0.67 6.70
CMA BCL H . -14.87 1.64 6.64
CAA BCL H . -13.45 -1.23 8.75
CBA BCL H . -11.93 -0.93 8.69
CGA BCL H . -11.41 -0.15 9.86
O1A BCL H . -12.02 0.52 10.63
O2A BCL H . -10.12 -0.28 10.03
NB BCL H . -18.33 -2.04 5.89
C1B BCL H . -17.23 -1.83 5.04
C2B BCL H . -17.53 -2.25 3.72
C3B BCL H . -18.77 -2.93 3.79
C4B BCL H . -19.28 -2.68 5.15
CMB BCL H . -16.63 -1.93 2.51
CAB BCL H . -19.51 -3.74 2.80
OBB BCL H . -20.61 -4.26 3.07
CBB BCL H . -18.98 -4.00 1.41
NC BCL H . -20.46 -2.16 7.97
C1C BCL H . -21.10 -2.88 6.98
C2C BCL H . -22.50 -3.21 7.34
C3C BCL H . -22.49 -3.00 8.87
C4C BCL H . -21.29 -2.15 9.08
CMC BCL H . -23.47 -2.31 6.63
CAC BCL H . -22.38 -4.28 9.74
CBC BCL H . -23.67 -5.02 9.91
ND BCL H . -18.65 -0.97 9.78
C1D BCL H . -19.70 -1.04 10.70
C2D BCL H . -19.30 -0.57 11.96
C3D BCL H . -17.96 -0.18 11.82
C4D BCL H . -17.61 -0.45 10.50
CMD BCL H . -20.16 -0.53 13.18
CAD BCL H . -16.74 0.09 12.52
OBD BCL H . -16.53 0.24 13.75
CBD BCL H . -15.57 0.19 11.47
CGD BCL H . -14.83 1.48 11.56
O1D BCL H . -14.91 2.40 10.78
O2D BCL H . -14.02 1.56 12.62
CED BCL H . -13.31 2.81 12.82
C1 BCL H . -9.49 0.41 11.13
C2 BCL H . -8.48 -0.59 11.68
C3 BCL H . -8.39 -0.96 12.94
C4 BCL H . -9.29 -0.45 14.08
C5 BCL H . -7.30 -2.01 13.41
C6 BCL H . -6.40 -1.51 14.56
C7 BCL H . -5.19 -2.41 14.78
C8 BCL H . -4.30 -2.04 15.99
C9 BCL H . -3.70 -0.61 15.88
C10 BCL H . -3.20 -3.09 16.14
C11 BCL H . -3.75 -4.47 16.51
C12 BCL H . -2.60 -5.49 16.74
C13 BCL H . -3.01 -6.92 17.07
C14 BCL H . -3.52 -7.03 18.49
C15 BCL H . -1.73 -7.76 16.93
C16 BCL H . -1.71 -9.26 17.22
C17 BCL H . -0.39 -10.03 17.37
C18 BCL H . 0.35 -10.11 16.04
C19 BCL H . -0.65 -10.50 14.91
C20 BCL H . 1.55 -11.09 16.03
C1 BPB I . 2.71 -5.08 19.76
C2 BPB I . 1.55 -5.82 20.43
C3 BPB I . 1.52 -7.15 20.52
C4 BPB I . 2.57 -8.14 19.99
C5 BPB I . 0.35 -7.86 21.20
C6 BPB I . -0.41 -7.01 22.20
C7 BPB I . -1.51 -7.85 22.85
C8 BPB I . -2.48 -7.07 23.73
C9 BPB I . -1.77 -6.36 24.92
NA BPB I . -0.74 -3.93 12.56
NB BPB I . -3.61 -3.85 11.55
NC BPB I . -3.01 -1.47 9.90
ND BPB I . -0.33 -1.57 10.83
C10 BPB I . -3.58 -8.07 24.15
C11 BPB I . -4.60 -8.06 22.98
C12 BPB I . -5.50 -6.82 22.93
C13 BPB I . -6.41 -6.74 21.69
C14 BPB I . -7.32 -5.50 21.72
C15 BPB I . -7.30 -8.01 21.48
C16 BPB I . -8.09 -8.07 20.16
C17 BPB I . -8.83 -9.39 19.77
C18 BPB I . -9.54 -9.35 18.36
C19 BPB I . -10.35 -8.02 18.18
C1A BPB I . 0.62 -3.84 12.80
O1A BPB I . 1.55 -3.72 17.99
C1B BPB I . -3.67 -5.01 12.31
C1C BPB I . -4.35 -1.58 9.60
C1D BPB I . -0.09 -0.53 9.91
O1D BPB I . 4.65 -4.13 12.51
C20 BPB I . -10.45 -10.54 17.98
C2A BPB I . 1.09 -4.91 13.75
O2A BPB I . 2.71 -5.58 18.37
C2B BPB I . -4.97 -5.55 12.27
C2C BPB I . -4.84 -0.46 8.74
C2D BPB I . 1.28 -0.16 9.88
O2D BPB I . 3.17 -4.47 10.93
C3A BPB I . -0.03 -5.96 13.63
C3B BPB I . -5.75 -4.71 11.46
C3C BPB I . -3.52 0.09 8.14
C3D BPB I . 1.91 -1.03 10.80
C4A BPB I . -1.19 -5.13 13.11
C4B BPB I . -4.85 -3.67 11.00
C4C BPB I . -2.51 -0.39 9.16
C4D BPB I . 0.92 -1.86 11.33
CAA BPB I . 1.29 -4.35 15.17
CAB BPB I . -7.18 -4.75 11.10
CAC BPB I . -3.50 1.62 7.82
CAD BPB I . 3.11 -1.36 11.45
CBA BPB I . 2.02 -5.29 16.16
CBB BPB I . -8.24 -5.37 12.02
OBB BPB I . -7.61 -4.29 10.02
CBC BPB I . -3.38 2.54 9.04
CBD BPB I . 2.85 -2.60 12.34
OBD BPB I . 4.24 -0.83 11.38
CED BPB I . 3.85 -5.70 10.60
CGA BPB I . 2.05 -4.78 17.56
CGD BPB I . 3.64 -3.78 11.96
CHA BPB I . 1.34 -2.79 12.30
CHB BPB I . -2.54 -5.54 13.05
CHC BPB I . -5.17 -2.58 10.16
CHD BPB I . -1.18 0.02 9.17
CMA BPB I . 0.38 -7.07 12.67
CMB BPB I . -5.38 -6.83 12.98
CMC BPB I . -5.88 -0.92 7.72
CMD BPB I . 1.90 0.91 9.05
C1 U10 J . 1.39 1.75 -10.98
C2 U10 J . 2.67 1.28 -10.62
C3 U10 J . 3.82 1.97 -10.97
C4 U10 J . 3.67 3.16 -11.70
C5 U10 J . 2.41 3.64 -12.04
C6 U10 J . 1.25 2.94 -11.70
C1M U10 J . 0.17 0.95 -10.58
C3M U10 J . 5.79 0.60 -10.86
C4M U10 J . 5.35 3.14 -13.30
C7 U10 J . -0.04 3.30 -12.43
C8 U10 J . -1.06 3.80 -11.44
C9 U10 J . -2.10 4.78 -11.76
C10 U10 J . -2.01 5.53 -13.05
C11 U10 J . -3.25 4.96 -10.79
C12 U10 J . -3.76 3.56 -10.48
C13 U10 J . -4.79 3.54 -9.38
C14 U10 J . -6.16 3.92 -9.69
C15 U10 J . -6.66 3.92 -11.11
C16 U10 J . -7.09 4.32 -8.58
C17 U10 J . -6.63 5.68 -8.08
C18 U10 J . -7.76 6.69 -8.10
C19 U10 J . -7.57 7.87 -7.26
C20 U10 J . -6.48 7.85 -6.24
C21 U10 J . -8.46 9.08 -7.38
C22 U10 J . -9.87 8.64 -7.00
C23 U10 J . -9.88 8.14 -5.58
C24 U10 J . -11.18 8.00 -4.92
C25 U10 J . -12.42 7.97 -5.76
C26 U10 J . -11.27 7.91 -3.42
C27 U10 J . -11.88 9.20 -2.88
C28 U10 J . -13.35 9.04 -2.59
C29 U10 J . -14.20 10.22 -2.39
C30 U10 J . -13.61 11.45 -1.75
C31 U10 J . -15.65 10.19 -2.84
C32 U10 J . -16.14 8.74 -2.93
C33 U10 J . -17.46 8.55 -2.22
C34 U10 J . -18.74 8.86 -2.89
C35 U10 J . -18.77 9.12 -4.37
C36 U10 J . -20.03 8.93 -2.11
C37 U10 J . -20.45 10.40 -2.03
C38 U10 J . -19.99 10.97 -0.71
C39 U10 J . -20.85 11.93 0.01
C40 U10 J . -20.47 12.38 1.39
C41 U10 J . -22.08 12.47 -0.67
O2 U10 J . 2.80 0.18 -10.08
O3 U10 J . 4.93 1.67 -10.45
O4 U10 J . 4.66 3.72 -12.21
O5 U10 J . 2.33 4.75 -12.58
P PO4 K . -23.81 -5.63 38.37
O1 PO4 K . -25.26 -5.29 38.07
O2 PO4 K . -22.90 -5.07 37.30
O3 PO4 K . -23.45 -5.05 39.72
O4 PO4 K . -23.65 -7.14 38.42
P PO4 L . 21.26 -10.78 24.04
O1 PO4 L . 20.15 -10.42 25.02
O2 PO4 L . 21.87 -9.50 23.48
O3 PO4 L . 22.33 -11.59 24.75
O4 PO4 L . 20.76 -11.64 22.88
C1 GOL M . -21.45 -8.85 29.05
O1 GOL M . -22.42 -7.83 29.02
C2 GOL M . -22.15 -10.15 28.59
O2 GOL M . -22.52 -10.12 27.25
C3 GOL M . -21.16 -11.29 28.92
O3 GOL M . -20.81 -11.10 30.27
N1 LDA N . 13.17 13.49 18.70
O1 LDA N . 13.68 14.10 17.72
CM1 LDA N . 14.24 12.84 19.48
CM2 LDA N . 12.53 14.48 19.60
C1 LDA N . 12.17 12.53 18.26
C2 LDA N . 11.95 12.63 16.73
C3 LDA N . 10.81 11.68 16.37
C4 LDA N . 10.01 12.03 15.12
C5 LDA N . 8.73 11.17 15.11
C6 LDA N . 7.87 11.24 13.84
C7 LDA N . 7.04 9.96 13.67
C8 LDA N . 6.24 9.69 14.95
C9 LDA N . 5.66 8.27 15.04
C10 LDA N . 4.39 8.24 15.89
C11 LDA N . 4.54 7.48 17.20
C12 LDA N . 3.20 7.12 17.86
N1 LDA O . -5.36 14.38 -27.25
O1 LDA O . -4.41 14.35 -28.07
CM1 LDA O . -5.06 15.42 -26.24
CM2 LDA O . -6.59 14.76 -27.96
C1 LDA O . -5.57 13.04 -26.67
C2 LDA O . -5.11 13.02 -25.21
C3 LDA O . -5.28 11.65 -24.55
C4 LDA O . -5.38 11.78 -23.03
C5 LDA O . -5.63 10.45 -22.34
C6 LDA O . -6.67 10.57 -21.24
C7 LDA O . -6.07 10.59 -19.83
C8 LDA O . -6.97 9.75 -18.92
C9 LDA O . -6.58 9.71 -17.44
C10 LDA O . -7.19 8.45 -16.82
C11 LDA O . -6.85 8.27 -15.34
C12 LDA O . -7.29 6.89 -14.85
MG BCL P . -20.45 -0.68 -4.93
CHA BCL P . -19.83 2.22 -3.12
CHB BCL P . -19.86 1.09 -7.79
CHC BCL P . -20.16 -3.61 -6.57
CHD BCL P . -20.74 -2.42 -1.92
NA BCL P . -19.88 1.37 -5.35
C1A BCL P . -19.79 2.45 -4.47
C2A BCL P . -19.30 3.66 -5.18
C3A BCL P . -19.79 3.38 -6.61
C4A BCL P . -19.84 1.88 -6.64
CMA BCL P . -21.19 3.92 -6.80
CAA BCL P . -17.75 3.88 -5.09
CBA BCL P . -16.83 2.91 -5.93
CGA BCL P . -15.70 2.07 -5.37
O1A BCL P . -15.69 1.52 -4.31
O2A BCL P . -14.72 1.98 -6.31
NB BCL P . -20.01 -1.22 -6.86
C1B BCL P . -19.86 -0.33 -7.94
C2B BCL P . -19.73 -1.05 -9.14
C3B BCL P . -19.74 -2.44 -8.82
C4B BCL P . -20.00 -2.48 -7.38
CMB BCL P . -19.63 -0.37 -10.51
CAB BCL P . -19.52 -3.65 -9.65
OBB BCL P . -19.72 -4.80 -9.23
CBB BCL P . -19.02 -3.58 -11.07
NC BCL P . -20.41 -2.70 -4.32
C1C BCL P . -20.48 -3.75 -5.20
C2C BCL P . -20.84 -5.06 -4.57
C3C BCL P . -20.96 -4.68 -3.08
C4C BCL P . -20.72 -3.18 -3.07
CMC BCL P . -22.12 -5.68 -5.11
CAC BCL P . -20.00 -5.47 -2.17
CBC BCL P . -18.58 -5.21 -2.55
ND BCL P . -20.25 -0.25 -2.94
C1D BCL P . -20.52 -1.01 -1.78
C2D BCL P . -20.47 -0.20 -0.61
C3D BCL P . -20.24 1.07 -1.06
C4D BCL P . -20.11 1.01 -2.46
CMD BCL P . -20.64 -0.68 0.82
CAD BCL P . -20.11 2.44 -0.71
OBD BCL P . -20.25 2.99 0.40
CBD BCL P . -19.73 3.25 -1.99
CGD BCL P . -20.60 4.41 -2.12
O1D BCL P . -20.28 5.59 -2.00
O2D BCL P . -21.86 4.08 -2.40
CED BCL P . -22.71 5.24 -2.52
C1 BCL P . -13.38 1.34 -6.46
C2 BCL P . -13.10 1.74 -7.92
C3 BCL P . -12.29 2.71 -8.35
C4 BCL P . -11.46 3.62 -7.46
C5 BCL P . -12.13 3.03 -9.84
C6 BCL P . -13.38 3.78 -10.42
C7 BCL P . -13.83 4.94 -9.50
C8 BCL P . -15.14 5.73 -9.69
C9 BCL P . -15.53 6.44 -8.37
C10 BCL P . -16.26 4.79 -10.16
C11 BCL P . -17.66 5.33 -10.42
C12 BCL P . -18.49 4.35 -11.27
C13 BCL P . -20.02 4.50 -11.17
C14 BCL P . -20.72 3.47 -12.05
C15 BCL P . -20.51 5.93 -11.58
C16 BCL P . -21.50 6.85 -10.75
C17 BCL P . -22.41 7.74 -11.65
C18 BCL P . -22.73 9.19 -11.26
C19 BCL P . -23.40 9.08 -9.88
C20 BCL P . -23.64 9.97 -12.23
C1 EDO Q . 13.08 10.33 1.90
O1 EDO Q . 13.42 9.15 2.67
C2 EDO Q . 12.88 11.58 2.75
O2 EDO Q . 11.88 11.32 3.77
C1 HTO R . -28.44 12.06 -4.68
O1 HTO R . -29.72 11.58 -4.21
C2 HTO R . -27.83 13.08 -3.69
O2 HTO R . -27.55 12.50 -2.40
C3 HTO R . -26.63 13.87 -4.26
O3 HTO R . -26.22 13.40 -5.55
C4 HTO R . -25.44 13.91 -3.30
C5 HTO R . -24.44 14.99 -3.69
C6 HTO R . -23.50 15.25 -2.50
C7 HTO R . -22.14 15.72 -2.94
MG BCL S . -11.54 -7.47 13.49
CHA BCL S . -11.89 -10.01 11.16
CHB BCL S . -8.57 -8.88 14.47
CHC BCL S . -10.84 -4.66 15.27
CHD BCL S . -14.24 -5.80 12.00
NA BCL S . -10.39 -9.17 12.84
C1A BCL S . -10.77 -10.18 11.94
C2A BCL S . -9.67 -11.22 11.81
C3A BCL S . -8.95 -11.07 13.16
C4A BCL S . -9.27 -9.65 13.54
CMA BCL S . -9.43 -12.05 14.22
CAA BCL S . -8.75 -10.96 10.60
CBA BCL S . -8.11 -9.55 10.58
CGA BCL S . -7.13 -9.19 9.50
O1A BCL S . -6.72 -9.91 8.71
O2A BCL S . -6.75 -7.92 9.48
NB BCL S . -9.93 -6.83 14.65
C1B BCL S . -8.80 -7.57 14.96
C2B BCL S . -7.98 -6.86 15.89
C3B BCL S . -8.59 -5.62 16.12
C4B BCL S . -9.84 -5.65 15.34
CMB BCL S . -6.68 -7.43 16.46
CAB BCL S . -8.17 -4.47 16.96
OBB BCL S . -8.54 -3.27 16.73
CBB BCL S . -7.26 -4.66 18.15
NC BCL S . -12.40 -5.54 13.60
C1C BCL S . -12.01 -4.58 14.48
C2C BCL S . -12.96 -3.43 14.50
C3C BCL S . -13.65 -3.60 13.13
C4C BCL S . -13.53 -5.09 12.96
CMC BCL S . -13.95 -3.51 15.65
CAC BCL S . -12.98 -2.79 11.97
CBC BCL S . -11.49 -3.06 11.73
ND BCL S . -12.75 -7.74 11.88
C1D BCL S . -13.93 -7.09 11.48
C2D BCL S . -14.66 -7.88 10.55
C3D BCL S . -13.92 -9.03 10.38
C4D BCL S . -12.78 -8.93 11.19
CMD BCL S . -15.97 -7.49 9.88
CAD BCL S . -13.86 -10.27 9.72
OBD BCL S . -14.65 -10.78 8.88
CBD BCL S . -12.57 -11.01 10.21
CGD BCL S . -12.93 -12.37 10.74
O1D BCL S . -13.01 -13.38 10.05
O2D BCL S . -13.19 -12.42 12.06
CED BCL S . -13.58 -13.69 12.69
C1 BCL S . -5.77 -7.50 8.49
C2 BCL S . -4.45 -7.86 9.17
C3 BCL S . -3.57 -8.82 8.86
C4 BCL S . -3.64 -9.82 7.70
C5 BCL S . -2.35 -8.99 9.72
C6 BCL S . -2.48 -10.14 10.70
C7 BCL S . -3.52 -9.86 11.80
C8 BCL S . -3.77 -11.07 12.70
C9 BCL S . -4.55 -12.21 11.99
C10 BCL S . -4.56 -10.62 13.92
C11 BCL S . -4.68 -11.70 14.96
C12 BCL S . -5.46 -11.21 16.18
C13 BCL S . -5.47 -12.26 17.30
C14 BCL S . -6.42 -13.40 17.00
C15 BCL S . -5.93 -11.43 18.51
C16 BCL S . -5.50 -11.91 19.83
C17 BCL S . -4.04 -11.54 19.92
C18 BCL S . -3.38 -12.24 21.09
C19 BCL S . -4.30 -11.96 22.29
C20 BCL S . -1.94 -11.77 21.35
N1 LDA T . 12.01 -16.27 13.93
O1 LDA T . 12.65 -15.79 12.97
CM1 LDA T . 11.34 -17.52 13.52
CM2 LDA T . 12.97 -16.59 15.01
C1 LDA T . 11.02 -15.29 14.41
C2 LDA T . 10.35 -14.66 13.19
C3 LDA T . 8.92 -15.14 12.98
C4 LDA T . 7.85 -14.06 13.19
C5 LDA T . 6.51 -14.69 12.84
C6 LDA T . 5.31 -13.82 13.20
C7 LDA T . 4.01 -14.55 12.90
C8 LDA T . 2.79 -13.87 13.55
C9 LDA T . 1.52 -14.68 13.38
C10 LDA T . 0.33 -13.84 12.92
C11 LDA T . -0.78 -14.74 12.37
C12 LDA T . -1.34 -14.29 11.02
C1 EDO U . 5.76 16.96 1.61
O1 EDO U . 6.20 15.60 1.58
C2 EDO U . 6.87 17.80 2.23
O2 EDO U . 7.58 17.03 3.21
MG BCL V . -19.19 -7.55 3.20
CHA BCL V . -18.55 -8.31 -0.09
CHB BCL V . -16.09 -6.07 3.37
CHC BCL V . -19.93 -6.50 6.33
CHD BCL V . -22.64 -8.03 2.62
NA BCL V . -17.55 -7.24 1.79
C1A BCL V . -17.42 -7.82 0.53
C2A BCL V . -16.02 -7.85 0.07
C3A BCL V . -15.26 -7.03 1.14
C4A BCL V . -16.31 -6.76 2.18
CMA BCL V . -14.05 -7.80 1.66
CAA BCL V . -15.87 -7.25 -1.33
CBA BCL V . -14.55 -7.48 -2.03
CGA BCL V . -14.45 -6.41 -3.03
O1A BCL V . -13.56 -5.69 -3.14
O2A BCL V . -15.51 -6.34 -3.79
NB BCL V . -18.22 -6.41 4.61
C1B BCL V . -16.90 -5.94 4.52
C2B BCL V . -16.51 -5.38 5.76
C3B BCL V . -17.61 -5.50 6.64
C4B BCL V . -18.65 -6.14 5.88
CMB BCL V . -15.12 -4.80 5.99
CAB BCL V . -17.79 -5.14 8.04
OBB BCL V . -18.54 -5.81 8.79
CBB BCL V . -17.08 -3.93 8.66
NC BCL V . -21.02 -7.26 4.27
C1C BCL V . -21.07 -6.94 5.60
C2C BCL V . -22.41 -7.16 6.18
C3C BCL V . -23.27 -7.21 4.94
C4C BCL V . -22.29 -7.68 3.91
CMC BCL V . -22.48 -8.39 7.06
CAC BCL V . -23.86 -5.83 4.60
CBC BCL V . -24.90 -5.45 5.61
ND BCL V . -20.39 -7.97 1.62
C1D BCL V . -21.77 -8.26 1.51
C2D BCL V . -22.07 -8.81 0.23
C3D BCL V . -20.84 -8.86 -0.45
C4D BCL V . -19.87 -8.34 0.41
CMD BCL V . -23.43 -9.23 -0.24
CAD BCL V . -20.17 -9.23 -1.64
OBD BCL V . -20.60 -9.58 -2.78
CBD BCL V . -18.64 -9.14 -1.36
CGD BCL V . -18.01 -10.43 -1.15
O1D BCL V . -17.10 -10.88 -1.81
O2D BCL V . -18.52 -11.12 -0.14
CED BCL V . -17.96 -12.43 0.13
C1 BCL V . -15.55 -5.28 -4.81
C2 BCL V . -14.90 -5.78 -6.10
C3 BCL V . -15.70 -6.10 -7.09
C4 BCL V . -17.23 -6.02 -7.07
C5 BCL V . -15.18 -6.58 -8.42
C6 BCL V . -15.31 -5.53 -9.52
C7 BCL V . -14.75 -6.03 -10.84
C8 BCL V . -15.35 -5.48 -12.14
C9 BCL V . -14.74 -6.23 -13.35
C10 BCL V . -15.11 -3.97 -12.26
C11 BCL V . -16.08 -3.35 -13.24
C12 BCL V . -15.99 -1.83 -13.30
C13 BCL V . -17.10 -1.22 -14.19
C14 BCL V . -16.88 -1.57 -15.66
C15 BCL V . -17.20 0.33 -14.07
C16 BCL V . -16.00 1.16 -14.50
C17 BCL V . -15.97 2.65 -14.07
C18 BCL V . -14.58 3.26 -14.31
C19 BCL V . -14.57 4.68 -13.69
C20 BCL V . -14.15 3.31 -15.80
C1 BPB W . -15.00 -1.17 -19.26
C2 BPB W . -15.72 0.20 -19.30
C3 BPB W . -15.37 1.18 -20.11
C4 BPB W . -14.20 1.10 -21.10
C5 BPB W . -16.11 2.52 -20.11
C6 BPB W . -17.23 2.68 -19.06
C7 BPB W . -17.83 4.10 -19.02
C8 BPB W . -17.64 4.76 -17.65
C9 BPB W . -18.85 4.52 -16.75
NA BPB W . -11.17 -2.07 -12.34
NB BPB W . -12.59 -2.34 -9.77
NC BPB W . -10.62 -4.43 -8.83
ND BPB W . -9.27 -4.04 -11.33
C10 BPB W . -17.36 6.27 -17.73
C11 BPB W . -18.33 7.44 -17.94
C12 BPB W . -17.57 8.75 -17.70
C13 BPB W . -18.39 10.04 -17.68
C14 BPB W . -18.74 10.59 -19.07
C15 BPB W . -17.51 11.07 -16.90
C16 BPB W . -17.46 10.98 -15.36
C17 BPB W . -16.83 9.87 -14.48
C18 BPB W . -17.69 9.40 -13.30
C19 BPB W . -16.72 8.86 -12.23
C1A BPB W . -10.36 -2.07 -13.49
O1A BPB W . -13.60 -2.99 -17.55
C1B BPB W . -13.37 -1.33 -10.31
C1C BPB W . -11.32 -4.20 -7.68
C1D BPB W . -8.29 -4.84 -10.75
O1D BPB W . -7.43 -1.36 -16.18
C20 BPB W . -18.77 8.37 -13.65
C2A BPB W . -10.96 -1.20 -14.56
O2A BPB W . -13.91 -0.93 -18.32
C2B BPB W . -14.43 -0.99 -9.44
C2C BPB W . -10.80 -5.03 -6.55
C2D BPB W . -7.21 -5.07 -11.64
O2D BPB W . -7.22 -0.95 -14.02
C3A BPB W . -11.76 -0.20 -13.70
C3B BPB W . -14.33 -1.85 -8.32
C3C BPB W . -9.41 -5.44 -7.06
C3D BPB W . -7.56 -4.35 -12.80
C4A BPB W . -12.10 -1.04 -12.49
C4B BPB W . -13.13 -2.65 -8.55
C4C BPB W . -9.40 -4.94 -8.49
C4D BPB W . -8.79 -3.75 -12.56
CAA BPB W . -11.85 -2.02 -15.51
CAB BPB W . -15.17 -2.03 -7.14
CAC BPB W . -9.14 -6.95 -6.96
CAD BPB W . -7.18 -4.03 -14.13
CBA BPB W . -12.27 -1.20 -16.72
CBB BPB W . -16.66 -1.85 -7.21
OBB BPB W . -14.72 -2.36 -6.03
CBC BPB W . -9.13 -7.36 -5.51
CBD BPB W . -8.23 -3.02 -14.68
OBD BPB W . -6.23 -4.42 -14.84
CED BPB W . -6.62 0.35 -14.30
CGA BPB W . -13.32 -1.83 -17.56
CGD BPB W . -7.60 -1.72 -15.04
CHA BPB W . -9.33 -2.97 -13.60
CHB BPB W . -13.09 -0.75 -11.56
CHC BPB W . -12.59 -3.65 -7.72
CHD BPB W . -8.46 -5.32 -9.41
CMA BPB W . -10.92 1.02 -13.31
CMB BPB W . -15.43 0.09 -9.72
CMC BPB W . -10.80 -4.28 -5.22
CMD BPB W . -5.99 -5.93 -11.33
FE FE X . 6.79 -1.18 -4.87
C1 U10 Y . 7.99 -4.15 3.30
C2 U10 Y . 8.72 -3.49 2.31
C3 U10 Y . 10.03 -3.92 1.98
C4 U10 Y . 10.59 -5.02 2.65
C5 U10 Y . 9.83 -5.67 3.67
C6 U10 Y . 8.53 -5.25 3.98
C1M U10 Y . 6.61 -3.63 3.62
C3M U10 Y . 10.70 -3.10 -0.11
C4M U10 Y . 12.52 -5.63 1.44
C7 U10 Y . 7.75 -6.05 5.01
C8 U10 Y . 6.61 -6.86 4.45
C9 U10 Y . 6.60 -8.34 4.40
C10 U10 Y . 7.78 -9.09 4.99
C11 U10 Y . 5.46 -9.06 3.72
C12 U10 Y . 4.61 -9.91 4.67
C13 U10 Y . 3.92 -9.03 5.70
C14 U10 Y . 2.47 -9.03 5.95
C15 U10 Y . 1.52 -9.85 5.12
C16 U10 Y . 1.91 -8.20 7.09
C17 U10 Y . 1.44 -9.11 8.23
C18 U10 Y . 2.56 -9.25 9.21
C19 U10 Y . 2.50 -10.32 10.23
C20 U10 Y . 1.28 -11.18 10.36
C21 U10 Y . 3.65 -10.55 11.15
C22 U10 Y . 3.29 -9.97 12.50
C23 U10 Y . 4.41 -10.24 13.47
C24 U10 Y . 4.72 -9.26 14.51
C25 U10 Y . 3.88 -8.04 14.67
C26 U10 Y . 5.87 -9.50 15.44
C27 U10 Y . 5.73 -10.87 16.09
C28 U10 Y . 6.17 -10.65 17.51
C29 U10 Y . 6.96 -11.64 18.26
C30 U10 Y . 6.75 -13.12 18.07
C31 U10 Y . 7.98 -11.13 19.24
C32 U10 Y . 7.72 -9.63 19.45
C33 U10 Y . 8.97 -8.91 19.91
C34 U10 Y . 8.84 -7.98 21.05
C35 U10 Y . 7.83 -8.27 22.13
C36 U10 Y . 9.70 -6.73 21.10
C37 U10 Y . 11.05 -6.93 21.77
C38 U10 Y . 11.68 -8.28 21.50
C39 U10 Y . 11.94 -9.18 22.63
C40 U10 Y . 12.01 -10.67 22.44
C41 U10 Y . 12.11 -8.56 24.01
O2 U10 Y . 8.18 -2.55 1.66
O3 U10 Y . 10.80 -3.19 1.31
O4 U10 Y . 11.81 -5.22 2.60
O5 U10 Y . 10.38 -6.53 4.38
CMA SPN Z . -26.68 12.95 -17.78
O1 SPN Z . -27.32 11.70 -18.04
CM1 SPN Z . -28.02 10.26 -19.83
CM2 SPN Z . -25.85 11.49 -20.02
C1 SPN Z . -26.83 10.81 -19.06
C2 SPN Z . -26.13 9.63 -18.40
O2 SPN Z . -25.61 8.79 -19.11
C3 SPN Z . -26.06 9.51 -16.88
C4 SPN Z . -25.68 8.09 -16.49
C5 SPN Z . -25.96 7.57 -15.29
CM3 SPN Z . -26.69 8.39 -14.28
C6 SPN Z . -25.52 6.13 -15.01
C7 SPN Z . -25.38 5.77 -13.52
C8 SPN Z . -24.68 4.42 -13.40
C9 SPN Z . -24.75 3.78 -12.23
CM4 SPN Z . -25.53 4.41 -11.10
C10 SPN Z . -24.07 2.45 -12.07
C11 SPN Z . -24.44 1.69 -10.80
C12 SPN Z . -23.90 0.31 -11.05
C13 SPN Z . -23.48 -0.44 -10.02
CM5 SPN Z . -23.53 0.12 -8.63
C14 SPN Z . -22.91 -1.83 -10.30
C15 SPN Z . -23.16 -2.86 -9.18
C16 SPN Z . -22.56 -4.21 -9.60
C17 SPN Z . -22.82 -4.44 -11.08
C18 SPN Z . -22.62 -5.88 -11.46
CM6 SPN Z . -22.22 -6.89 -10.41
C19 SPN Z . -22.77 -6.20 -12.75
C20 SPN Z . -22.56 -7.61 -13.20
C21 SPN Z . -22.85 -7.60 -14.69
C22 SPN Z . -22.84 -9.07 -15.16
CM7 SPN Z . -21.56 -9.83 -14.72
C23 SPN Z . -23.20 -9.11 -16.66
C24 SPN Z . -23.71 -10.48 -17.19
C25 SPN Z . -24.54 -10.18 -18.44
C26 SPN Z . -25.86 -10.35 -18.51
CM8 SPN Z . -26.59 -10.83 -17.28
C27 SPN Z . -26.65 -10.08 -19.79
C28 SPN Z . -26.73 -11.43 -20.51
C29 SPN Z . -25.32 -12.02 -20.69
C30 SPN Z . -24.84 -12.29 -21.91
CM9 SPN Z . -23.41 -12.88 -22.12
CMB SPN Z . -25.73 -12.02 -23.09
K K AA . -31.95 -18.42 4.11
CL CL BA . 3.67 -14.89 -7.30
P PO4 CA . -6.36 -2.90 -34.72
O1 PO4 CA . -6.38 -1.47 -35.18
O2 PO4 CA . -7.55 -3.66 -35.30
O3 PO4 CA . -5.10 -3.60 -35.17
O4 PO4 CA . -6.45 -2.93 -33.20
C1 CDL DA . 6.69 -15.46 -16.09
O1 CDL DA . 8.09 -15.75 -16.05
CA2 CDL DA . 6.25 -14.70 -14.85
OA2 CDL DA . 6.31 -15.59 -13.74
PA1 CDL DA . 6.15 -15.10 -12.20
OA3 CDL DA . 4.71 -15.16 -11.76
OA4 CDL DA . 6.85 -13.79 -12.07
OA5 CDL DA . 6.94 -16.30 -11.42
CA3 CDL DA . 6.60 -17.70 -11.60
CA4 CDL DA . 5.16 -18.06 -11.17
OA6 CDL DA . 5.12 -18.67 -9.86
CA5 CDL DA . 3.84 -18.51 -9.16
OA7 CDL DA . 3.02 -17.69 -9.57
C11 CDL DA . 3.54 -19.37 -7.95
C12 CDL DA . 2.10 -19.20 -7.47
C13 CDL DA . 1.94 -19.73 -6.04
C14 CDL DA . 0.94 -20.89 -5.94
C15 CDL DA . 0.91 -21.49 -4.52
C16 CDL DA . 0.46 -22.94 -4.58
C17 CDL DA . 0.12 -23.58 -3.24
C18 CDL DA . -0.28 -25.03 -3.52
C19 CDL DA . -1.06 -25.68 -2.38
C20 CDL DA . -0.48 -27.05 -2.03
C21 CDL DA . 0.22 -26.97 -0.66
C22 CDL DA . 0.44 -28.34 -0.03
C23 CDL DA . 1.10 -28.21 1.34
C24 CDL DA . 0.16 -27.60 2.36
CA6 CDL DA . 4.49 -18.97 -12.22
OA8 CDL DA . 3.30 -19.55 -11.71
CA7 CDL DA . 2.08 -19.70 -12.49
OA9 CDL DA . 2.07 -20.41 -13.48
C31 CDL DA . 0.81 -18.96 -12.03
C32 CDL DA . -0.06 -19.81 -11.10
C33 CDL DA . -1.38 -19.13 -10.77
C34 CDL DA . -2.09 -19.88 -9.63
C35 CDL DA . -3.53 -19.43 -9.34
C36 CDL DA . -4.04 -20.18 -8.10
C37 CDL DA . -5.53 -20.06 -7.80
C38 CDL DA . -5.78 -20.59 -6.38
C39 CDL DA . -7.25 -20.68 -5.96
C40 CDL DA . -7.41 -21.33 -4.58
C41 CDL DA . -8.55 -22.35 -4.57
C42 CDL DA . -8.93 -22.88 -3.18
C43 CDL DA . -10.40 -23.32 -3.16
CB2 CDL DA . 6.34 -14.60 -17.31
OB2 CDL DA . 5.13 -15.19 -17.81
PB2 CDL DA . 3.72 -14.41 -17.85
OB3 CDL DA . 3.70 -13.29 -16.85
OB4 CDL DA . 3.38 -14.15 -19.32
OB5 CDL DA . 2.75 -15.53 -17.22
CB3 CDL DA . 1.88 -15.11 -16.17
CB4 CDL DA . 1.92 -16.13 -15.04
OB6 CDL DA . 0.66 -16.82 -14.93
CB5 CDL DA . 0.72 -18.15 -15.54
OB7 CDL DA . 1.80 -18.61 -15.85
C51 CDL DA . -0.54 -18.95 -15.81
C52 CDL DA . -1.42 -18.99 -14.57
C53 CDL DA . -2.68 -19.82 -14.81
C54 CDL DA . -3.57 -19.86 -13.57
C55 CDL DA . -4.96 -19.25 -13.83
C56 CDL DA . -6.05 -20.33 -13.88
C57 CDL DA . -7.35 -19.72 -14.39
C58 CDL DA . -8.32 -20.80 -14.87
CB6 CDL DA . 2.32 -15.46 -13.72
OB8 CDL DA . 1.20 -14.85 -13.09
CB7 CDL DA . 1.10 -14.75 -11.62
OB9 CDL DA . 2.07 -14.56 -10.91
C71 CDL DA . -0.24 -14.91 -10.96
C72 CDL DA . -0.38 -13.87 -9.87
C73 CDL DA . -1.84 -13.45 -9.73
C74 CDL DA . -2.71 -14.66 -9.42
C75 CDL DA . -3.77 -14.84 -10.48
C76 CDL DA . -4.90 -15.77 -10.04
C77 CDL DA . -6.28 -15.25 -10.44
C78 CDL DA . -7.21 -16.37 -10.90
C79 CDL DA . -8.69 -16.01 -10.71
C80 CDL DA . -9.64 -17.13 -11.16
C81 CDL DA . -10.87 -17.28 -10.25
C82 CDL DA . -11.38 -18.74 -10.17
C83 CDL DA . -12.13 -19.02 -8.86
C84 CDL DA . -11.89 -20.41 -8.25
N1 LDA EA . -12.05 -17.00 9.09
O1 LDA EA . -13.19 -16.48 9.20
CM1 LDA EA . -11.72 -17.65 10.37
CM2 LDA EA . -12.16 -18.04 8.03
C1 LDA EA . -11.07 -15.98 8.67
C2 LDA EA . -9.91 -15.80 9.66
C3 LDA EA . -8.96 -14.68 9.22
C4 LDA EA . -7.45 -14.89 9.47
C5 LDA EA . -6.68 -14.97 8.15
C6 LDA EA . -5.24 -14.40 8.15
C7 LDA EA . -4.82 -13.90 6.76
C8 LDA EA . -3.35 -14.17 6.41
C9 LDA EA . -2.75 -13.28 5.29
C10 LDA EA . -1.92 -14.00 4.21
C11 LDA EA . -1.16 -13.01 3.32
C12 LDA EA . -0.95 -13.49 1.87
N1 LDA FA . 4.01 23.01 -2.41
O1 LDA FA . 4.74 22.43 -3.26
CM1 LDA FA . 4.35 22.49 -1.07
CM2 LDA FA . 4.28 24.46 -2.45
C1 LDA FA . 2.59 22.79 -2.69
C2 LDA FA . 2.38 21.28 -2.84
C3 LDA FA . 0.96 20.84 -2.46
C4 LDA FA . 0.13 20.41 -3.66
C5 LDA FA . -0.94 19.38 -3.28
C6 LDA FA . -1.94 19.08 -4.42
C7 LDA FA . -2.06 17.57 -4.68
C8 LDA FA . -3.00 17.21 -5.84
C9 LDA FA . -2.81 15.75 -6.31
C10 LDA FA . -3.52 14.77 -5.37
C11 LDA FA . -3.40 13.28 -5.79
C12 LDA FA . -3.93 12.97 -7.19
N1 LDA GA . -30.71 -23.97 -5.27
O1 LDA GA . -30.54 -23.78 -4.04
CM1 LDA GA . -31.58 -22.92 -5.81
CM2 LDA GA . -31.37 -25.27 -5.46
C1 LDA GA . -29.43 -23.91 -5.97
C2 LDA GA . -28.78 -25.30 -5.95
C3 LDA GA . -27.93 -25.59 -7.17
C4 LDA GA . -27.01 -24.46 -7.55
C5 LDA GA . -25.69 -25.00 -8.08
C6 LDA GA . -24.88 -25.65 -6.96
C7 LDA GA . -23.63 -26.37 -7.46
C8 LDA GA . -22.35 -25.73 -6.93
C9 LDA GA . -22.35 -24.22 -7.11
C10 LDA GA . -21.14 -23.54 -6.49
C11 LDA GA . -19.86 -24.30 -6.76
C12 LDA GA . -18.72 -23.79 -5.88
N1 LDA HA . -8.62 10.05 -28.28
O1 LDA HA . -8.22 11.23 -28.17
CM1 LDA HA . -10.00 10.04 -28.77
CM2 LDA HA . -7.76 9.37 -29.27
C1 LDA HA . -8.51 9.36 -27.00
C2 LDA HA . -9.70 9.71 -26.12
C3 LDA HA . -9.93 8.66 -25.04
C4 LDA HA . -9.71 9.23 -23.63
C5 LDA HA . -10.41 8.39 -22.56
C6 LDA HA . -9.66 7.09 -22.27
C7 LDA HA . -9.47 6.87 -20.76
C8 LDA HA . -9.93 5.47 -20.40
C9 LDA HA . -9.87 5.26 -18.89
C10 LDA HA . -10.41 3.86 -18.52
C11 LDA HA . -10.58 3.67 -17.01
C12 LDA HA . -9.58 4.46 -16.17
C1 EDO IA . 17.79 9.64 -6.11
O1 EDO IA . 17.04 8.43 -6.31
C2 EDO IA . 18.71 9.39 -4.93
O2 EDO IA . 17.87 9.32 -3.77
C1 EDO JA . 23.70 8.95 -22.46
O1 EDO JA . 24.08 7.59 -22.65
C2 EDO JA . 23.23 9.48 -23.80
O2 EDO JA . 24.13 10.49 -24.29
C1 EDO KA . 26.72 -7.13 -4.73
O1 EDO KA . 26.90 -6.31 -3.57
C2 EDO KA . 28.02 -7.15 -5.54
O2 EDO KA . 27.84 -7.97 -6.70
C TRS LA . 14.53 32.19 8.11
C1 TRS LA . 13.87 30.85 7.78
C2 TRS LA . 14.73 33.05 6.86
C3 TRS LA . 15.88 32.00 8.81
N TRS LA . 13.65 32.90 9.05
O1 TRS LA . 12.57 31.03 7.25
O2 TRS LA . 13.63 32.97 5.98
O3 TRS LA . 16.10 30.65 9.20
N1 LDA MA . 13.88 -16.69 8.76
O1 LDA MA . 14.81 -15.84 8.80
CM1 LDA MA . 13.89 -17.38 7.44
CM2 LDA MA . 14.07 -17.71 9.81
C1 LDA MA . 12.62 -15.98 9.01
C2 LDA MA . 11.48 -16.81 8.42
C3 LDA MA . 10.15 -16.08 8.48
C4 LDA MA . 9.08 -16.96 9.09
C5 LDA MA . 7.89 -16.11 9.54
C6 LDA MA . 6.88 -15.89 8.41
C7 LDA MA . 5.49 -15.75 9.01
C8 LDA MA . 4.47 -15.58 7.88
C9 LDA MA . 3.72 -14.24 7.95
C10 LDA MA . 2.27 -14.43 7.53
C11 LDA MA . 1.56 -13.10 7.34
C12 LDA MA . 0.05 -13.27 7.43
K K NA . 18.10 21.52 -20.44
#